data_5LXZ
#
_entry.id   5LXZ
#
_cell.length_a   70.510
_cell.length_b   80.870
_cell.length_c   140.290
_cell.angle_alpha   90.000
_cell.angle_beta   90.000
_cell.angle_gamma   90.000
#
_symmetry.space_group_name_H-M   'P 21 21 21'
#
loop_
_entity.id
_entity.type
_entity.pdbx_description
1 polymer 'Secreted protein'
2 non-polymer 'COPPER (II) ION'
3 non-polymer 'ACETATE ION'
4 non-polymer 'PHOSPHATE ION'
5 non-polymer 1,2-ETHANEDIOL
6 water water
#
_entity_poly.entity_id   1
_entity_poly.type   'polypeptide(L)'
_entity_poly.pdbx_seq_one_letter_code
;AKINQPEYKAANGKWEIIEFPEKYRQNTIHAALLRTGKVLMVAGSGNNQDNSDDKQYDTRIWDPVKGTIKKVPTPSDLFC
TGHTQLANGNLLIAGGTKRYEKLKGDVTKAGGLMVVHNENPDKPITLPAGTKFTGKENGKTFVSKDPVLVPRAEKVFDPA
TGAFVRNDPGLGRIYVEAQKSGSAYETGTEDNYRVQGLSGADARNTYGIAQKLALDKKDFQGIRDAFEFDPVAEKYIKVD
PMHEARAYPTLTTLGDGKILSVSGLDDIGQLVPGKNEVYDPKTKAWTYTDKVRQFPTYPALFLMQNGKIFYSGANAGYGP
DDVGRTPGVWDVETNKFTKVPGMSDANMLETANTVLLPPAQDEKYMVIGGGGVGESKLSSEKTRIADLKADDPKFVDGPS
LEKGTRYPQASILPDDSVLVSGGSQDYRGRGDSNILQARLYHPDTNEFERVADPLVGRNYHSGSILLPDGRLMFFGSDSL
YADKANTKPGKFEQRIEIYTPPYLYRDSRPDLSGGPQTIARGGSGTFTSRAASTVKKVRLIRPSASTHVTDVDQRSIALD
FKADGDKLTVTVPSGKNLVQSGWYMMFVTDGEGTPSKAEWVRVP
;
_entity_poly.pdbx_strand_id   B
#
loop_
_chem_comp.id
_chem_comp.type
_chem_comp.name
_chem_comp.formula
ACT non-polymer 'ACETATE ION' 'C2 H3 O2 -1'
CU non-polymer 'COPPER (II) ION' 'Cu 2'
EDO non-polymer 1,2-ETHANEDIOL 'C2 H6 O2'
PO4 non-polymer 'PHOSPHATE ION' 'O4 P -3'
#
# COMPACT_ATOMS: atom_id res chain seq x y z
N ALA A 1 23.04 16.74 -18.93
CA ALA A 1 23.84 16.85 -17.66
C ALA A 1 24.83 15.68 -17.52
N LYS A 2 25.98 15.95 -16.90
CA LYS A 2 27.00 14.92 -16.72
C LYS A 2 26.81 14.25 -15.34
N ILE A 3 25.87 13.32 -15.34
CA ILE A 3 25.36 12.74 -14.09
C ILE A 3 26.23 11.71 -13.42
N ASN A 4 27.33 11.30 -14.05
CA ASN A 4 28.23 10.35 -13.44
C ASN A 4 29.49 10.97 -12.88
N GLN A 5 29.60 12.28 -12.94
CA GLN A 5 30.80 12.94 -12.45
C GLN A 5 30.78 13.02 -10.93
N PRO A 6 31.96 12.98 -10.29
CA PRO A 6 32.03 12.94 -8.81
C PRO A 6 31.27 14.06 -8.09
N GLU A 7 31.39 15.28 -8.60
CA GLU A 7 30.72 16.44 -8.02
C GLU A 7 29.17 16.31 -8.08
N TYR A 8 28.68 15.86 -9.22
CA TYR A 8 27.25 15.70 -9.42
C TYR A 8 26.71 14.64 -8.45
N LYS A 9 27.42 13.51 -8.39
CA LYS A 9 26.99 12.40 -7.50
C LYS A 9 27.05 12.80 -6.04
N ALA A 10 28.07 13.56 -5.67
CA ALA A 10 28.14 14.03 -4.27
C ALA A 10 26.97 14.90 -3.85
N ALA A 11 26.35 15.58 -4.80
CA ALA A 11 25.20 16.44 -4.54
C ALA A 11 23.87 15.67 -4.76
N ASN A 12 23.85 14.71 -5.69
CA ASN A 12 22.58 14.19 -6.22
C ASN A 12 22.40 12.69 -6.11
N GLY A 13 23.44 11.98 -5.73
CA GLY A 13 23.46 10.53 -5.81
C GLY A 13 23.44 10.00 -7.22
N LYS A 14 23.08 8.73 -7.36
CA LYS A 14 23.15 8.04 -8.65
C LYS A 14 22.20 6.86 -8.68
N TRP A 15 21.53 6.68 -9.80
CA TRP A 15 20.64 5.54 -10.05
C TRP A 15 21.31 4.54 -10.94
N GLU A 16 21.02 3.27 -10.71
CA GLU A 16 21.48 2.22 -11.62
C GLU A 16 20.36 1.21 -11.81
N ILE A 17 20.14 0.81 -13.04
CA ILE A 17 19.25 -0.30 -13.34
C ILE A 17 19.97 -1.62 -13.11
N ILE A 18 19.25 -2.53 -12.47
N ILE A 18 19.36 -2.50 -12.33
CA ILE A 18 19.53 -3.96 -12.49
CA ILE A 18 19.98 -3.78 -11.96
C ILE A 18 18.41 -4.66 -13.23
C ILE A 18 19.52 -4.85 -12.94
N GLU A 19 18.79 -5.44 -14.24
N GLU A 19 20.37 -5.82 -13.19
CA GLU A 19 17.82 -6.29 -14.92
CA GLU A 19 20.10 -6.84 -14.20
C GLU A 19 18.17 -7.72 -14.52
C GLU A 19 19.99 -8.22 -13.56
N PHE A 20 17.17 -8.52 -14.25
N PHE A 20 18.90 -8.92 -13.87
CA PHE A 20 17.44 -9.86 -13.81
CA PHE A 20 18.75 -10.34 -13.52
C PHE A 20 17.49 -10.77 -15.03
C PHE A 20 18.40 -11.14 -14.76
N PRO A 21 18.19 -11.90 -14.89
N PRO A 21 18.68 -12.44 -14.76
CA PRO A 21 18.16 -12.84 -15.99
CA PRO A 21 18.28 -13.23 -15.94
C PRO A 21 16.72 -13.22 -16.20
C PRO A 21 16.75 -13.25 -16.19
N GLU A 22 16.34 -13.39 -17.45
CA GLU A 22 14.94 -13.55 -17.84
C GLU A 22 14.19 -14.60 -17.03
N LYS A 23 14.86 -15.70 -16.71
CA LYS A 23 14.25 -16.76 -15.93
C LYS A 23 13.67 -16.26 -14.60
N TYR A 24 14.27 -15.22 -14.02
CA TYR A 24 13.88 -14.73 -12.68
C TYR A 24 13.01 -13.51 -12.75
N ARG A 25 12.75 -13.00 -13.94
CA ARG A 25 11.90 -11.79 -14.01
C ARG A 25 10.47 -12.10 -13.58
N GLN A 26 9.80 -11.09 -13.03
CA GLN A 26 8.41 -11.18 -12.68
C GLN A 26 7.89 -9.77 -12.56
N ASN A 27 6.59 -9.67 -12.31
CA ASN A 27 5.95 -8.38 -12.09
C ASN A 27 5.86 -8.12 -10.59
N THR A 28 6.94 -7.63 -10.00
CA THR A 28 6.94 -7.40 -8.56
C THR A 28 5.98 -6.27 -8.19
N ILE A 29 5.05 -6.57 -7.32
CA ILE A 29 4.03 -5.63 -6.86
C ILE A 29 4.14 -5.35 -5.35
N HIS A 30 4.80 -6.22 -4.59
CA HIS A 30 5.04 -6.04 -3.18
C HIS A 30 6.48 -6.34 -2.94
N ALA A 31 7.12 -5.64 -2.03
CA ALA A 31 8.42 -6.05 -1.57
C ALA A 31 8.59 -5.75 -0.10
N ALA A 32 9.41 -6.56 0.55
CA ALA A 32 9.70 -6.35 1.95
C ALA A 32 11.15 -6.70 2.23
N LEU A 33 11.85 -5.85 2.96
CA LEU A 33 13.15 -6.18 3.45
C LEU A 33 13.00 -7.10 4.64
N LEU A 34 13.69 -8.25 4.61
CA LEU A 34 13.65 -9.23 5.68
C LEU A 34 14.86 -9.09 6.58
N ARG A 35 14.71 -9.57 7.80
CA ARG A 35 15.75 -9.43 8.82
C ARG A 35 17.03 -10.16 8.50
N THR A 36 16.99 -11.05 7.52
CA THR A 36 18.19 -11.68 6.96
C THR A 36 19.00 -10.80 6.05
N GLY A 37 18.50 -9.59 5.74
CA GLY A 37 19.13 -8.70 4.82
C GLY A 37 18.72 -8.90 3.38
N LYS A 38 17.87 -9.89 3.13
CA LYS A 38 17.38 -10.16 1.79
C LYS A 38 16.03 -9.53 1.59
N VAL A 39 15.65 -9.37 0.33
CA VAL A 39 14.38 -8.72 -0.01
C VAL A 39 13.44 -9.73 -0.60
N LEU A 40 12.25 -9.82 -0.02
CA LEU A 40 11.17 -10.63 -0.55
C LEU A 40 10.44 -9.79 -1.61
N MET A 41 10.30 -10.33 -2.80
CA MET A 41 9.65 -9.65 -3.91
C MET A 41 8.48 -10.49 -4.37
N VAL A 42 7.27 -9.99 -4.24
CA VAL A 42 6.08 -10.78 -4.47
C VAL A 42 5.34 -10.24 -5.69
N ALA A 43 5.14 -11.14 -6.64
CA ALA A 43 4.33 -10.86 -7.79
C ALA A 43 2.97 -11.49 -7.71
N GLY A 44 2.85 -12.67 -7.11
CA GLY A 44 1.62 -13.44 -7.32
C GLY A 44 1.48 -13.68 -8.81
N SER A 45 0.27 -13.53 -9.34
CA SER A 45 0.06 -13.63 -10.77
C SER A 45 0.49 -12.37 -11.52
N GLY A 46 0.88 -11.33 -10.80
CA GLY A 46 1.58 -10.20 -11.41
C GLY A 46 0.67 -9.27 -12.18
N ASN A 47 -0.63 -9.23 -11.85
CA ASN A 47 -1.61 -8.52 -12.62
C ASN A 47 -1.53 -8.87 -14.12
N ASN A 48 -1.42 -10.17 -14.36
CA ASN A 48 -1.31 -10.72 -15.70
C ASN A 48 -2.39 -11.78 -15.82
N GLN A 49 -3.29 -11.57 -16.76
CA GLN A 49 -4.48 -12.42 -16.94
C GLN A 49 -4.10 -13.83 -17.25
N ASP A 50 -3.05 -14.00 -18.05
CA ASP A 50 -2.60 -15.35 -18.38
C ASP A 50 -2.15 -16.09 -17.15
N ASN A 51 -1.41 -15.41 -16.27
CA ASN A 51 -0.92 -16.05 -15.07
C ASN A 51 -2.05 -16.30 -14.09
N SER A 52 -3.02 -15.41 -14.04
CA SER A 52 -4.17 -15.61 -13.16
C SER A 52 -4.94 -16.88 -13.58
N ASP A 53 -5.18 -16.99 -14.89
CA ASP A 53 -5.88 -18.18 -15.44
C ASP A 53 -5.13 -19.47 -15.20
N ASP A 54 -3.80 -19.42 -15.33
CA ASP A 54 -2.98 -20.59 -15.19
C ASP A 54 -2.56 -20.88 -13.76
N LYS A 55 -2.95 -20.03 -12.82
CA LYS A 55 -2.53 -20.15 -11.43
C LYS A 55 -1.02 -20.16 -11.34
N GLN A 56 -0.40 -19.27 -12.11
CA GLN A 56 1.04 -19.08 -12.11
C GLN A 56 1.39 -17.91 -11.15
N TYR A 57 2.01 -18.25 -10.03
CA TYR A 57 2.25 -17.28 -8.94
C TYR A 57 3.72 -17.25 -8.64
N ASP A 58 4.27 -16.03 -8.51
CA ASP A 58 5.69 -15.88 -8.41
C ASP A 58 6.11 -15.03 -7.19
N THR A 59 7.19 -15.46 -6.57
CA THR A 59 7.91 -14.75 -5.53
C THR A 59 9.39 -14.92 -5.79
N ARG A 60 10.17 -13.89 -5.48
CA ARG A 60 11.63 -13.98 -5.43
C ARG A 60 12.19 -13.58 -4.09
N ILE A 61 13.36 -14.11 -3.76
CA ILE A 61 14.22 -13.57 -2.72
C ILE A 61 15.49 -13.09 -3.37
N TRP A 62 15.83 -11.82 -3.13
CA TRP A 62 16.97 -11.18 -3.72
C TRP A 62 17.94 -10.84 -2.62
N ASP A 63 19.20 -11.24 -2.79
CA ASP A 63 20.26 -10.90 -1.84
C ASP A 63 20.99 -9.71 -2.41
N PRO A 64 20.80 -8.53 -1.83
CA PRO A 64 21.45 -7.36 -2.41
C PRO A 64 22.96 -7.35 -2.26
N VAL A 65 23.52 -8.09 -1.31
CA VAL A 65 24.97 -8.06 -1.07
C VAL A 65 25.64 -8.93 -2.16
N LYS A 66 25.13 -10.15 -2.30
CA LYS A 66 25.66 -11.12 -3.27
C LYS A 66 25.18 -10.90 -4.70
N GLY A 67 24.05 -10.18 -4.87
CA GLY A 67 23.48 -9.95 -6.18
C GLY A 67 22.56 -11.06 -6.72
N THR A 68 22.44 -12.13 -5.97
CA THR A 68 21.79 -13.32 -6.40
C THR A 68 20.28 -13.31 -6.12
N ILE A 69 19.58 -14.18 -6.83
CA ILE A 69 18.14 -14.20 -6.76
C ILE A 69 17.67 -15.63 -6.84
N LYS A 70 16.61 -15.95 -6.14
CA LYS A 70 15.98 -17.26 -6.25
C LYS A 70 14.48 -17.15 -6.29
N LYS A 71 13.85 -18.17 -6.83
CA LYS A 71 12.42 -18.31 -6.82
C LYS A 71 11.99 -18.96 -5.53
N VAL A 72 10.82 -18.54 -5.04
CA VAL A 72 10.16 -19.13 -3.88
C VAL A 72 8.79 -19.69 -4.29
N PRO A 73 8.49 -20.96 -3.95
CA PRO A 73 7.16 -21.47 -4.25
C PRO A 73 6.06 -20.63 -3.60
N THR A 74 5.10 -20.23 -4.40
CA THR A 74 4.06 -19.29 -4.01
C THR A 74 2.73 -20.02 -4.04
N PRO A 75 2.13 -20.25 -2.87
CA PRO A 75 0.97 -21.15 -2.78
C PRO A 75 -0.37 -20.59 -3.22
N SER A 76 -0.51 -19.27 -3.27
CA SER A 76 -1.77 -18.60 -3.59
C SER A 76 -1.44 -17.34 -4.35
N ASP A 77 -2.47 -16.70 -4.89
CA ASP A 77 -2.26 -15.45 -5.62
C ASP A 77 -2.11 -14.29 -4.63
N LEU A 78 -0.87 -14.07 -4.22
CA LEU A 78 -0.51 -13.08 -3.18
C LEU A 78 -0.39 -11.66 -3.69
N PHE A 79 -0.69 -11.46 -4.95
CA PHE A 79 -0.93 -10.15 -5.50
C PHE A 79 -2.16 -9.64 -4.73
N CYS A 80 -2.23 -8.38 -4.37
N CYS A 80 -2.15 -8.34 -4.41
CA CYS A 80 -3.47 -7.89 -3.65
CA CYS A 80 -3.22 -7.67 -3.64
C CYS A 80 -3.52 -8.24 -2.17
C CYS A 80 -3.47 -8.19 -2.22
N THR A 81 -2.41 -8.68 -1.58
CA THR A 81 -2.39 -8.95 -0.16
C THR A 81 -2.02 -7.74 0.65
N GLY A 82 -2.25 -7.82 1.97
CA GLY A 82 -1.69 -6.90 2.93
C GLY A 82 -0.64 -7.63 3.73
N HIS A 83 0.25 -6.91 4.41
CA HIS A 83 1.40 -7.55 5.01
C HIS A 83 2.10 -6.66 5.99
N THR A 84 2.58 -7.23 7.08
CA THR A 84 3.38 -6.50 8.03
C THR A 84 4.29 -7.48 8.77
N GLN A 85 5.40 -6.99 9.28
CA GLN A 85 6.32 -7.79 10.09
C GLN A 85 5.76 -8.10 11.45
N LEU A 86 5.82 -9.36 11.82
CA LEU A 86 5.50 -9.82 13.17
C LEU A 86 6.71 -9.67 14.09
N ALA A 87 6.45 -9.79 15.38
CA ALA A 87 7.54 -9.66 16.37
C ALA A 87 8.69 -10.62 16.17
N ASN A 88 8.41 -11.81 15.63
CA ASN A 88 9.51 -12.72 15.33
C ASN A 88 10.23 -12.54 14.00
N GLY A 89 9.92 -11.47 13.26
CA GLY A 89 10.57 -11.24 11.98
C GLY A 89 9.89 -11.89 10.81
N ASN A 90 8.90 -12.75 11.05
CA ASN A 90 8.15 -13.30 9.93
C ASN A 90 7.25 -12.21 9.36
N LEU A 91 6.93 -12.30 8.09
CA LEU A 91 6.04 -11.36 7.45
C LEU A 91 4.67 -12.01 7.39
N LEU A 92 3.68 -11.44 8.08
CA LEU A 92 2.32 -11.91 7.96
C LEU A 92 1.82 -11.36 6.63
N ILE A 93 1.28 -12.23 5.79
CA ILE A 93 0.78 -11.79 4.48
C ILE A 93 -0.63 -12.40 4.30
N ALA A 94 -1.66 -11.62 4.00
CA ALA A 94 -3.02 -12.10 4.04
C ALA A 94 -3.83 -11.45 2.96
N GLY A 95 -4.81 -12.20 2.51
CA GLY A 95 -5.64 -11.79 1.43
C GLY A 95 -5.11 -12.20 0.08
N GLY A 96 -5.53 -11.45 -0.91
CA GLY A 96 -5.17 -11.72 -2.30
C GLY A 96 -6.36 -11.77 -3.19
N THR A 97 -6.17 -12.36 -4.37
CA THR A 97 -7.22 -12.35 -5.35
C THR A 97 -7.45 -13.74 -5.94
N LYS A 98 -8.62 -14.01 -6.44
N LYS A 98 -8.71 -13.94 -6.32
CA LYS A 98 -8.75 -15.22 -7.26
CA LYS A 98 -9.23 -15.07 -7.13
C LYS A 98 -9.14 -14.88 -8.69
C LYS A 98 -9.03 -14.76 -8.62
N ARG A 99 -9.27 -13.59 -8.98
N ARG A 99 -9.32 -15.72 -9.49
CA ARG A 99 -9.77 -13.14 -10.27
CA ARG A 99 -9.23 -15.47 -10.93
C ARG A 99 -9.60 -11.65 -10.43
C ARG A 99 -9.92 -14.15 -11.27
N TYR A 100 -9.27 -11.25 -11.66
N TYR A 100 -9.27 -13.29 -12.03
CA TYR A 100 -9.31 -9.88 -12.06
CA TYR A 100 -9.81 -11.93 -12.24
C TYR A 100 -9.43 -9.82 -13.56
C TYR A 100 -9.72 -11.59 -13.68
N GLU A 101 -10.44 -10.54 -14.13
CA GLU A 101 -10.61 -10.61 -15.53
C GLU A 101 -10.99 -9.26 -16.04
N LYS A 102 -10.39 -8.88 -17.15
CA LYS A 102 -10.73 -7.67 -17.85
C LYS A 102 -12.17 -7.86 -18.37
N LEU A 103 -13.00 -6.84 -18.20
CA LEU A 103 -14.41 -6.99 -18.60
C LEU A 103 -14.63 -6.55 -20.03
N LYS A 104 -15.40 -7.36 -20.75
CA LYS A 104 -15.74 -7.09 -22.14
C LYS A 104 -16.86 -6.06 -22.20
N GLY A 105 -16.70 -5.11 -23.10
CA GLY A 105 -17.78 -4.28 -23.58
C GLY A 105 -17.17 -3.30 -24.54
N ASP A 106 -17.82 -2.16 -24.71
CA ASP A 106 -17.30 -1.11 -25.52
C ASP A 106 -16.19 -0.41 -24.73
N VAL A 107 -14.97 -0.47 -25.25
CA VAL A 107 -13.82 0.08 -24.52
C VAL A 107 -13.84 1.59 -24.36
N THR A 108 -14.68 2.29 -25.11
CA THR A 108 -14.80 3.73 -25.01
C THR A 108 -15.91 4.15 -24.04
N LYS A 109 -16.66 3.20 -23.51
CA LYS A 109 -17.80 3.50 -22.61
C LYS A 109 -17.54 2.99 -21.19
N ALA A 110 -17.83 3.87 -20.24
CA ALA A 110 -17.71 3.49 -18.82
C ALA A 110 -18.57 2.29 -18.51
N GLY A 111 -18.09 1.41 -17.64
CA GLY A 111 -18.88 0.26 -17.24
C GLY A 111 -18.16 -0.63 -16.28
N GLY A 112 -18.84 -1.70 -15.91
CA GLY A 112 -18.36 -2.65 -14.95
C GLY A 112 -19.46 -3.47 -14.35
N LEU A 113 -19.18 -4.19 -13.28
CA LEU A 113 -20.19 -5.08 -12.69
C LEU A 113 -21.08 -4.36 -11.69
N MET A 114 -22.39 -4.52 -11.89
CA MET A 114 -23.39 -4.12 -10.91
C MET A 114 -23.81 -5.34 -10.11
N VAL A 115 -23.78 -5.22 -8.78
CA VAL A 115 -24.28 -6.29 -7.92
C VAL A 115 -25.69 -5.91 -7.57
N VAL A 116 -26.67 -6.64 -8.11
CA VAL A 116 -28.05 -6.33 -7.83
C VAL A 116 -28.45 -7.11 -6.58
N HIS A 117 -29.13 -6.42 -5.69
CA HIS A 117 -29.61 -6.91 -4.41
C HIS A 117 -31.11 -7.10 -4.48
N ASN A 118 -31.58 -8.27 -4.02
CA ASN A 118 -33.02 -8.53 -3.91
C ASN A 118 -33.31 -8.87 -2.44
N GLU A 119 -34.02 -7.96 -1.78
CA GLU A 119 -34.41 -8.13 -0.38
CA GLU A 119 -34.40 -8.13 -0.37
C GLU A 119 -35.68 -8.97 -0.21
N ASN A 120 -36.31 -9.36 -1.32
CA ASN A 120 -37.57 -10.15 -1.28
C ASN A 120 -37.26 -11.63 -1.13
N PRO A 121 -37.65 -12.26 0.02
CA PRO A 121 -37.44 -13.71 0.20
C PRO A 121 -38.43 -14.59 -0.54
N ASP A 122 -39.50 -14.01 -1.07
CA ASP A 122 -40.62 -14.76 -1.69
C ASP A 122 -40.46 -15.02 -3.18
N LYS A 123 -39.68 -14.20 -3.87
CA LYS A 123 -39.51 -14.39 -5.30
C LYS A 123 -38.18 -13.81 -5.78
N PRO A 124 -37.65 -14.38 -6.86
CA PRO A 124 -36.53 -13.80 -7.56
C PRO A 124 -37.05 -12.68 -8.41
N ILE A 125 -36.15 -11.92 -8.99
CA ILE A 125 -36.56 -10.92 -9.94
C ILE A 125 -35.60 -10.95 -11.11
N THR A 126 -36.15 -10.85 -12.30
CA THR A 126 -35.35 -10.80 -13.50
C THR A 126 -35.44 -9.38 -14.04
N LEU A 127 -34.27 -8.78 -14.26
CA LEU A 127 -34.21 -7.51 -14.88
C LEU A 127 -33.76 -7.73 -16.32
N PRO A 128 -34.59 -7.33 -17.29
CA PRO A 128 -34.16 -7.52 -18.68
C PRO A 128 -32.94 -6.75 -19.10
N ALA A 129 -32.37 -7.18 -20.22
CA ALA A 129 -31.42 -6.34 -20.90
C ALA A 129 -32.01 -4.96 -21.15
N GLY A 130 -31.17 -3.95 -21.03
CA GLY A 130 -31.57 -2.58 -21.23
C GLY A 130 -32.16 -1.96 -19.97
N THR A 131 -32.05 -2.66 -18.85
CA THR A 131 -32.41 -2.06 -17.54
C THR A 131 -31.42 -0.93 -17.23
N LYS A 132 -31.98 0.19 -16.78
CA LYS A 132 -31.22 1.38 -16.41
C LYS A 132 -31.03 1.43 -14.91
N PHE A 133 -29.80 1.71 -14.49
CA PHE A 133 -29.41 1.79 -13.09
C PHE A 133 -28.85 3.18 -12.92
N THR A 134 -29.34 3.94 -11.93
CA THR A 134 -28.91 5.33 -11.74
C THR A 134 -28.35 5.49 -10.33
N GLY A 135 -27.16 6.07 -10.22
CA GLY A 135 -26.50 6.19 -8.94
C GLY A 135 -27.24 7.20 -8.09
N LYS A 136 -27.61 6.80 -6.88
CA LYS A 136 -28.40 7.69 -6.04
C LYS A 136 -27.61 8.92 -5.59
N GLU A 137 -26.32 8.75 -5.42
CA GLU A 137 -25.44 9.89 -5.14
C GLU A 137 -24.89 10.50 -6.42
N ASN A 138 -24.32 9.68 -7.29
CA ASN A 138 -23.62 10.23 -8.48
C ASN A 138 -24.52 10.71 -9.61
N GLY A 139 -25.77 10.29 -9.64
CA GLY A 139 -26.73 10.72 -10.64
C GLY A 139 -26.49 10.16 -12.02
N LYS A 140 -25.57 9.21 -12.16
CA LYS A 140 -25.18 8.69 -13.47
C LYS A 140 -25.88 7.39 -13.77
N THR A 141 -26.19 7.16 -15.05
CA THR A 141 -26.97 6.01 -15.48
C THR A 141 -26.11 5.01 -16.30
N PHE A 142 -26.36 3.75 -16.05
CA PHE A 142 -25.73 2.62 -16.74
C PHE A 142 -26.76 1.63 -17.10
N VAL A 143 -26.55 0.96 -18.23
CA VAL A 143 -27.53 0.05 -18.81
CA VAL A 143 -27.55 0.02 -18.75
C VAL A 143 -26.97 -1.36 -18.89
N SER A 144 -27.75 -2.37 -18.52
CA SER A 144 -27.32 -3.75 -18.70
C SER A 144 -27.43 -4.16 -20.19
N LYS A 145 -26.57 -5.09 -20.59
CA LYS A 145 -26.57 -5.62 -21.97
C LYS A 145 -27.22 -7.01 -22.08
N ASP A 146 -27.36 -7.66 -20.95
CA ASP A 146 -28.00 -8.93 -20.82
C ASP A 146 -28.98 -8.90 -19.68
N PRO A 147 -29.93 -9.84 -19.68
CA PRO A 147 -30.79 -10.02 -18.52
C PRO A 147 -30.04 -10.59 -17.36
N VAL A 148 -30.55 -10.34 -16.15
CA VAL A 148 -30.01 -10.90 -14.95
C VAL A 148 -31.10 -11.43 -14.05
N LEU A 149 -30.84 -12.62 -13.54
CA LEU A 149 -31.69 -13.31 -12.61
C LEU A 149 -31.14 -13.09 -11.23
N VAL A 150 -31.87 -12.35 -10.41
CA VAL A 150 -31.45 -12.07 -9.06
C VAL A 150 -32.24 -12.99 -8.17
N PRO A 151 -31.56 -13.89 -7.45
CA PRO A 151 -32.32 -14.89 -6.68
C PRO A 151 -33.08 -14.25 -5.55
N ARG A 152 -34.07 -15.00 -5.05
CA ARG A 152 -34.76 -14.65 -3.83
C ARG A 152 -33.76 -14.44 -2.72
N ALA A 153 -34.09 -13.55 -1.80
CA ALA A 153 -33.40 -13.42 -0.55
C ALA A 153 -33.55 -14.75 0.20
N GLU A 154 -32.46 -15.17 0.84
CA GLU A 154 -32.44 -16.45 1.59
C GLU A 154 -32.73 -16.15 3.04
N LYS A 155 -33.73 -16.84 3.58
CA LYS A 155 -34.08 -16.73 4.99
C LYS A 155 -32.99 -17.46 5.76
N VAL A 156 -32.46 -16.81 6.79
CA VAL A 156 -31.48 -17.47 7.68
C VAL A 156 -32.16 -17.71 9.03
N PHE A 157 -31.91 -18.89 9.59
CA PHE A 157 -32.55 -19.37 10.83
C PHE A 157 -31.48 -19.66 11.91
N ASP A 158 -31.85 -19.54 13.19
CA ASP A 158 -30.94 -19.82 14.34
C ASP A 158 -30.31 -21.22 14.25
N GLY A 162 -34.07 -23.05 15.45
CA GLY A 162 -34.41 -22.70 14.08
C GLY A 162 -35.31 -21.49 13.89
N ALA A 163 -35.25 -20.52 14.81
CA ALA A 163 -36.04 -19.28 14.72
C ALA A 163 -35.50 -18.38 13.60
N PHE A 164 -36.42 -17.68 12.92
CA PHE A 164 -36.07 -16.77 11.82
C PHE A 164 -35.26 -15.58 12.37
N VAL A 165 -34.11 -15.33 11.75
CA VAL A 165 -33.21 -14.24 12.15
C VAL A 165 -33.46 -13.05 11.21
N ARG A 166 -33.14 -13.26 9.93
CA ARG A 166 -33.17 -12.19 8.91
C ARG A 166 -33.17 -12.81 7.52
N ASN A 167 -33.28 -11.93 6.53
CA ASN A 167 -33.07 -12.25 5.11
C ASN A 167 -31.74 -11.72 4.61
N ASP A 168 -30.89 -12.62 4.14
CA ASP A 168 -29.72 -12.26 3.33
C ASP A 168 -30.18 -11.99 1.91
N PRO A 169 -29.89 -10.78 1.38
CA PRO A 169 -30.45 -10.49 0.06
C PRO A 169 -29.88 -11.40 -0.99
N GLY A 170 -30.69 -11.74 -1.98
CA GLY A 170 -30.19 -12.41 -3.14
C GLY A 170 -29.31 -11.44 -3.91
N LEU A 171 -28.27 -11.97 -4.54
CA LEU A 171 -27.25 -11.18 -5.24
C LEU A 171 -27.10 -11.70 -6.65
N GLY A 172 -27.18 -10.80 -7.60
CA GLY A 172 -27.00 -11.11 -9.00
C GLY A 172 -26.08 -10.10 -9.64
N ARG A 173 -24.97 -10.55 -10.21
CA ARG A 173 -24.04 -9.66 -10.91
C ARG A 173 -24.36 -9.52 -12.36
N ILE A 174 -24.25 -8.31 -12.88
CA ILE A 174 -24.49 -8.03 -14.29
C ILE A 174 -23.60 -6.88 -14.78
N TYR A 175 -23.03 -7.03 -15.97
CA TYR A 175 -22.27 -5.96 -16.58
C TYR A 175 -23.23 -4.84 -16.98
N VAL A 176 -22.87 -3.62 -16.64
CA VAL A 176 -23.55 -2.44 -17.07
C VAL A 176 -22.61 -1.47 -17.74
N GLU A 177 -23.14 -0.63 -18.62
CA GLU A 177 -22.34 0.28 -19.40
C GLU A 177 -23.05 1.59 -19.62
N ALA A 178 -22.31 2.68 -19.70
CA ALA A 178 -22.89 3.98 -20.04
C ALA A 178 -23.46 3.92 -21.47
N GLN A 179 -24.49 4.72 -21.70
CA GLN A 179 -25.08 4.81 -23.04
C GLN A 179 -24.17 5.50 -24.04
N LYS A 180 -23.41 6.48 -23.57
CA LYS A 180 -22.53 7.30 -24.40
C LYS A 180 -21.07 7.14 -24.02
N SER A 181 -20.20 7.33 -25.00
CA SER A 181 -18.76 7.24 -24.80
C SER A 181 -18.24 8.42 -24.05
N GLY A 182 -17.13 8.21 -23.32
CA GLY A 182 -16.38 9.30 -22.75
C GLY A 182 -16.28 9.28 -21.24
N SER A 183 -15.25 9.94 -20.74
CA SER A 183 -14.96 9.95 -19.31
C SER A 183 -15.97 10.73 -18.48
N ALA A 184 -16.78 11.61 -19.08
CA ALA A 184 -17.80 12.35 -18.34
C ALA A 184 -18.87 11.44 -17.72
N TYR A 185 -19.01 10.25 -18.25
CA TYR A 185 -20.01 9.31 -17.80
C TYR A 185 -19.50 8.27 -16.81
N GLU A 186 -18.23 8.38 -16.43
N GLU A 186 -18.23 8.35 -16.43
CA GLU A 186 -17.62 7.45 -15.48
CA GLU A 186 -17.67 7.38 -15.51
C GLU A 186 -17.98 7.78 -14.06
C GLU A 186 -17.89 7.78 -14.06
N THR A 187 -17.86 6.77 -13.20
CA THR A 187 -17.87 6.98 -11.76
C THR A 187 -16.55 6.54 -11.20
N GLY A 188 -16.23 7.04 -10.00
CA GLY A 188 -14.96 6.69 -9.36
C GLY A 188 -15.06 6.06 -8.00
N THR A 189 -16.26 5.94 -7.46
CA THR A 189 -16.45 5.35 -6.13
C THR A 189 -17.72 4.52 -6.15
N GLU A 190 -17.89 3.71 -5.11
CA GLU A 190 -19.09 2.92 -4.97
C GLU A 190 -20.32 3.80 -4.87
N ASP A 191 -21.42 3.34 -5.44
CA ASP A 191 -22.72 3.95 -5.20
C ASP A 191 -23.79 2.85 -5.15
N ASN A 192 -24.93 3.24 -4.61
CA ASN A 192 -26.15 2.47 -4.59
C ASN A 192 -26.98 2.98 -5.74
N TYR A 193 -27.49 2.06 -6.55
CA TYR A 193 -28.12 2.39 -7.80
C TYR A 193 -29.60 2.07 -7.77
N ARG A 194 -30.43 3.01 -8.19
CA ARG A 194 -31.85 2.81 -8.35
C ARG A 194 -32.10 2.07 -9.67
N VAL A 195 -32.97 1.07 -9.64
CA VAL A 195 -33.37 0.36 -10.84
C VAL A 195 -34.57 1.05 -11.45
N GLN A 196 -34.39 1.64 -12.61
CA GLN A 196 -35.49 2.38 -13.25
C GLN A 196 -36.60 1.44 -13.71
N GLY A 197 -37.84 1.86 -13.52
CA GLY A 197 -39.00 1.12 -14.01
C GLY A 197 -39.66 0.20 -13.02
N LEU A 198 -39.06 -0.02 -11.85
CA LEU A 198 -39.72 -0.72 -10.77
C LEU A 198 -40.56 0.25 -9.91
N SER A 199 -41.58 -0.28 -9.24
CA SER A 199 -42.38 0.52 -8.32
C SER A 199 -42.75 -0.32 -7.13
N GLY A 200 -43.32 0.32 -6.12
CA GLY A 200 -43.88 -0.37 -4.97
C GLY A 200 -42.84 -1.25 -4.31
N ALA A 201 -43.24 -2.46 -3.93
CA ALA A 201 -42.33 -3.36 -3.20
C ALA A 201 -41.06 -3.70 -3.99
N ASP A 202 -41.21 -3.93 -5.29
CA ASP A 202 -40.06 -4.28 -6.12
C ASP A 202 -39.01 -3.15 -6.05
N ALA A 203 -39.47 -1.91 -6.06
CA ALA A 203 -38.55 -0.77 -5.93
C ALA A 203 -37.87 -0.71 -4.58
N ARG A 204 -38.62 -0.98 -3.51
CA ARG A 204 -38.03 -0.97 -2.17
C ARG A 204 -37.04 -2.10 -2.01
N ASN A 205 -37.34 -3.25 -2.65
CA ASN A 205 -36.57 -4.46 -2.44
C ASN A 205 -35.42 -4.71 -3.39
N THR A 206 -35.30 -3.94 -4.47
CA THR A 206 -34.33 -4.23 -5.51
C THR A 206 -33.48 -2.98 -5.72
N TYR A 207 -32.17 -3.14 -5.57
CA TYR A 207 -31.24 -2.03 -5.89
C TYR A 207 -29.90 -2.59 -6.28
N GLY A 208 -29.04 -1.74 -6.84
CA GLY A 208 -27.72 -2.16 -7.26
C GLY A 208 -26.66 -1.54 -6.39
N ILE A 209 -25.56 -2.23 -6.27
CA ILE A 209 -24.31 -1.64 -5.72
C ILE A 209 -23.20 -1.90 -6.70
N ALA A 210 -22.43 -0.87 -7.05
CA ALA A 210 -21.30 -1.06 -7.92
C ALA A 210 -20.16 -0.23 -7.39
N GLN A 211 -18.96 -0.72 -7.58
CA GLN A 211 -17.76 0.07 -7.45
C GLN A 211 -17.59 0.95 -8.66
N LYS A 212 -16.44 1.55 -8.85
CA LYS A 212 -16.23 2.41 -10.01
C LYS A 212 -16.67 1.76 -11.31
N LEU A 213 -17.33 2.57 -12.11
CA LEU A 213 -17.80 2.19 -13.45
C LEU A 213 -17.10 3.15 -14.41
N ALA A 214 -16.00 2.65 -14.99
CA ALA A 214 -15.12 3.52 -15.70
C ALA A 214 -14.49 2.74 -16.87
N LEU A 215 -13.30 3.11 -17.30
CA LEU A 215 -12.72 2.54 -18.49
C LEU A 215 -11.68 1.47 -18.28
N ASP A 216 -11.09 1.38 -17.09
CA ASP A 216 -10.17 0.32 -16.75
C ASP A 216 -10.96 -0.70 -15.93
N LYS A 217 -11.61 -1.64 -16.64
CA LYS A 217 -12.71 -2.46 -16.13
C LYS A 217 -12.24 -3.86 -15.75
N LYS A 218 -12.51 -4.24 -14.51
CA LYS A 218 -11.98 -5.47 -13.95
C LYS A 218 -13.04 -6.14 -13.04
N ASP A 219 -13.05 -7.48 -13.00
CA ASP A 219 -13.89 -8.31 -12.08
C ASP A 219 -12.91 -8.84 -11.02
N PHE A 220 -12.86 -8.14 -9.91
N PHE A 220 -12.53 -7.97 -10.06
CA PHE A 220 -11.78 -8.28 -9.00
CA PHE A 220 -11.60 -8.37 -8.97
C PHE A 220 -12.26 -8.84 -7.64
C PHE A 220 -12.38 -8.99 -7.80
N GLN A 221 -11.79 -10.03 -7.21
CA GLN A 221 -12.39 -10.79 -6.11
C GLN A 221 -11.31 -11.21 -5.13
N GLY A 222 -11.61 -11.11 -3.84
CA GLY A 222 -10.64 -11.40 -2.77
C GLY A 222 -10.65 -12.84 -2.32
N ILE A 223 -9.60 -13.20 -1.57
CA ILE A 223 -9.49 -14.50 -0.91
C ILE A 223 -9.15 -14.32 0.59
N ARG A 224 -9.33 -15.39 1.36
CA ARG A 224 -9.15 -15.38 2.80
C ARG A 224 -7.76 -15.80 3.24
N ASP A 225 -6.96 -16.34 2.33
CA ASP A 225 -5.70 -17.00 2.68
C ASP A 225 -4.77 -16.14 3.48
N ALA A 226 -4.06 -16.75 4.42
CA ALA A 226 -3.03 -16.09 5.17
C ALA A 226 -1.83 -16.96 5.40
N PHE A 227 -0.65 -16.34 5.42
CA PHE A 227 0.59 -17.08 5.61
C PHE A 227 1.52 -16.24 6.47
N GLU A 228 2.49 -16.87 7.10
CA GLU A 228 3.64 -16.18 7.62
C GLU A 228 4.81 -16.52 6.71
N PHE A 229 5.50 -15.53 6.16
CA PHE A 229 6.69 -15.82 5.39
C PHE A 229 7.84 -15.86 6.41
N ASP A 230 8.52 -17.00 6.46
CA ASP A 230 9.64 -17.20 7.37
C ASP A 230 10.93 -16.88 6.62
N PRO A 231 11.63 -15.80 6.99
CA PRO A 231 12.80 -15.38 6.25
C PRO A 231 14.01 -16.32 6.41
N VAL A 232 14.04 -17.12 7.45
CA VAL A 232 15.17 -18.08 7.60
C VAL A 232 14.94 -19.30 6.73
N ALA A 233 13.75 -19.87 6.82
CA ALA A 233 13.37 -20.98 5.96
C ALA A 233 13.16 -20.57 4.50
N GLU A 234 12.89 -19.28 4.27
CA GLU A 234 12.55 -18.74 2.97
C GLU A 234 11.33 -19.44 2.37
N LYS A 235 10.28 -19.58 3.17
CA LYS A 235 9.06 -20.19 2.69
C LYS A 235 7.82 -19.57 3.31
N TYR A 236 6.71 -19.67 2.61
CA TYR A 236 5.42 -19.28 3.13
C TYR A 236 4.87 -20.41 3.99
N ILE A 237 4.46 -20.08 5.20
CA ILE A 237 3.88 -21.07 6.13
C ILE A 237 2.38 -20.75 6.29
N LYS A 238 1.51 -21.68 5.95
CA LYS A 238 0.10 -21.45 6.04
C LYS A 238 -0.32 -21.29 7.51
N VAL A 239 -1.11 -20.26 7.78
CA VAL A 239 -1.75 -20.07 9.07
C VAL A 239 -3.24 -20.02 8.87
N ASP A 240 -4.00 -19.73 9.94
CA ASP A 240 -5.46 -19.71 9.73
C ASP A 240 -5.84 -18.66 8.70
N PRO A 241 -6.80 -18.98 7.83
CA PRO A 241 -7.33 -17.94 6.95
C PRO A 241 -8.13 -16.90 7.74
N MET A 242 -8.21 -15.70 7.19
CA MET A 242 -9.10 -14.70 7.71
C MET A 242 -10.57 -15.15 7.61
N HIS A 243 -11.42 -14.57 8.44
CA HIS A 243 -12.86 -14.78 8.28
C HIS A 243 -13.37 -14.17 6.99
N GLU A 244 -12.90 -12.95 6.68
CA GLU A 244 -13.30 -12.25 5.47
C GLU A 244 -12.32 -12.46 4.33
N ALA A 245 -12.84 -12.65 3.13
CA ALA A 245 -12.03 -12.57 1.92
C ALA A 245 -11.69 -11.11 1.69
N ARG A 246 -10.43 -10.83 1.38
CA ARG A 246 -9.97 -9.45 1.23
C ARG A 246 -8.92 -9.35 0.15
N ALA A 247 -9.26 -8.68 -0.94
CA ALA A 247 -8.29 -8.13 -1.87
C ALA A 247 -8.02 -6.71 -1.44
N TYR A 248 -6.74 -6.39 -1.21
CA TYR A 248 -6.26 -5.05 -0.84
CA TYR A 248 -6.26 -5.06 -0.85
C TYR A 248 -6.55 -4.63 0.60
N PRO A 249 -6.38 -5.53 1.57
CA PRO A 249 -6.50 -5.11 2.96
C PRO A 249 -5.23 -4.41 3.48
N THR A 250 -5.40 -3.56 4.49
CA THR A 250 -4.23 -3.17 5.29
C THR A 250 -4.12 -4.05 6.49
N LEU A 251 -2.88 -4.50 6.75
CA LEU A 251 -2.52 -5.17 8.00
C LEU A 251 -1.63 -4.24 8.78
N THR A 252 -1.97 -3.96 10.01
CA THR A 252 -1.19 -3.01 10.81
C THR A 252 -1.10 -3.46 12.25
N THR A 253 0.06 -3.29 12.85
CA THR A 253 0.28 -3.75 14.24
C THR A 253 -0.34 -2.85 15.27
N LEU A 254 -1.02 -3.45 16.22
CA LEU A 254 -1.63 -2.73 17.33
C LEU A 254 -0.67 -2.67 18.55
N GLY A 255 -1.08 -1.93 19.57
CA GLY A 255 -0.21 -1.78 20.74
C GLY A 255 0.04 -3.07 21.49
N ASP A 256 -0.87 -4.03 21.40
CA ASP A 256 -0.67 -5.34 22.00
C ASP A 256 0.13 -6.33 21.14
N GLY A 257 0.60 -5.90 19.97
CA GLY A 257 1.37 -6.72 19.09
C GLY A 257 0.50 -7.61 18.19
N LYS A 258 -0.81 -7.53 18.32
CA LYS A 258 -1.70 -8.25 17.41
C LYS A 258 -1.82 -7.43 16.14
N ILE A 259 -2.22 -8.09 15.07
CA ILE A 259 -2.30 -7.47 13.74
C ILE A 259 -3.73 -7.26 13.29
N LEU A 260 -4.08 -6.01 13.07
CA LEU A 260 -5.40 -5.64 12.62
C LEU A 260 -5.46 -5.72 11.09
N SER A 261 -6.48 -6.37 10.58
CA SER A 261 -6.76 -6.42 9.12
C SER A 261 -8.04 -5.63 8.84
N VAL A 262 -7.90 -4.65 7.94
CA VAL A 262 -8.94 -3.70 7.61
C VAL A 262 -9.19 -3.66 6.14
N SER A 263 -10.48 -3.63 5.82
CA SER A 263 -10.96 -3.36 4.46
C SER A 263 -10.62 -4.47 3.49
N GLY A 264 -10.62 -4.15 2.21
CA GLY A 264 -10.47 -5.10 1.14
C GLY A 264 -11.78 -5.36 0.39
N LEU A 265 -11.65 -5.95 -0.76
CA LEU A 265 -12.79 -6.41 -1.55
C LEU A 265 -13.05 -7.85 -1.22
N ASP A 266 -14.32 -8.18 -1.11
CA ASP A 266 -14.74 -9.52 -0.80
C ASP A 266 -14.75 -10.47 -2.02
N ASP A 267 -15.31 -11.67 -1.84
CA ASP A 267 -15.14 -12.73 -2.82
C ASP A 267 -15.99 -12.54 -4.07
N ILE A 268 -16.86 -11.55 -4.09
CA ILE A 268 -17.52 -11.14 -5.34
C ILE A 268 -17.26 -9.70 -5.72
N GLY A 269 -16.21 -9.10 -5.15
CA GLY A 269 -15.80 -7.77 -5.52
C GLY A 269 -16.47 -6.61 -4.82
N GLN A 270 -17.23 -6.89 -3.75
CA GLN A 270 -17.89 -5.87 -2.92
C GLN A 270 -16.88 -5.40 -1.85
N LEU A 271 -16.91 -4.15 -1.45
CA LEU A 271 -16.08 -3.69 -0.29
C LEU A 271 -16.51 -4.44 0.96
N VAL A 272 -15.54 -4.93 1.73
CA VAL A 272 -15.86 -5.52 3.02
C VAL A 272 -16.42 -4.36 3.85
N PRO A 273 -17.62 -4.54 4.43
CA PRO A 273 -18.33 -3.40 5.03
C PRO A 273 -17.91 -3.10 6.46
N GLY A 274 -16.63 -2.78 6.64
CA GLY A 274 -16.14 -2.43 7.95
C GLY A 274 -16.01 -3.56 8.95
N LYS A 275 -16.00 -4.82 8.48
CA LYS A 275 -15.81 -5.98 9.32
C LYS A 275 -14.30 -6.22 9.41
N ASN A 276 -13.71 -5.81 10.51
CA ASN A 276 -12.27 -5.93 10.73
C ASN A 276 -11.93 -7.09 11.62
N GLU A 277 -10.69 -7.58 11.55
CA GLU A 277 -10.29 -8.73 12.32
C GLU A 277 -8.88 -8.59 12.79
N VAL A 278 -8.56 -9.35 13.83
CA VAL A 278 -7.27 -9.27 14.47
C VAL A 278 -6.63 -10.63 14.46
N TYR A 279 -5.38 -10.69 14.05
CA TYR A 279 -4.55 -11.89 14.10
C TYR A 279 -3.74 -11.84 15.36
N ASP A 280 -3.83 -12.91 16.17
CA ASP A 280 -2.99 -13.04 17.32
C ASP A 280 -1.82 -13.93 16.96
N PRO A 281 -0.59 -13.41 16.86
CA PRO A 281 0.54 -14.26 16.49
C PRO A 281 0.80 -15.43 17.45
N LYS A 282 0.33 -15.28 18.67
CA LYS A 282 0.52 -16.37 19.67
C LYS A 282 -0.40 -17.54 19.44
N THR A 283 -1.54 -17.32 18.81
CA THR A 283 -2.46 -18.42 18.46
C THR A 283 -2.51 -18.75 16.99
N LYS A 284 -1.96 -17.88 16.15
CA LYS A 284 -2.02 -18.03 14.68
C LYS A 284 -3.47 -18.08 14.19
N ALA A 285 -4.32 -17.32 14.87
CA ALA A 285 -5.72 -17.28 14.57
C ALA A 285 -6.28 -15.88 14.52
N TRP A 286 -7.41 -15.75 13.84
CA TRP A 286 -8.09 -14.46 13.62
C TRP A 286 -9.41 -14.36 14.41
N THR A 287 -9.71 -13.16 14.91
CA THR A 287 -10.92 -12.88 15.67
CA THR A 287 -10.99 -12.91 15.56
C THR A 287 -11.51 -11.58 15.14
N TYR A 288 -12.78 -11.53 14.87
CA TYR A 288 -13.44 -10.28 14.53
C TYR A 288 -13.36 -9.26 15.64
N THR A 289 -13.17 -7.99 15.29
CA THR A 289 -13.45 -6.90 16.22
C THR A 289 -14.97 -6.81 16.39
N ASP A 290 -15.39 -6.10 17.43
CA ASP A 290 -16.82 -6.08 17.77
C ASP A 290 -17.67 -5.20 16.89
N LYS A 291 -17.12 -4.04 16.51
CA LYS A 291 -17.90 -2.99 15.89
C LYS A 291 -17.35 -2.70 14.49
N VAL A 292 -18.26 -2.27 13.65
CA VAL A 292 -17.97 -1.91 12.28
C VAL A 292 -17.17 -0.61 12.19
N ARG A 293 -16.12 -0.62 11.36
CA ARG A 293 -15.55 0.65 10.90
CA ARG A 293 -15.42 0.63 10.98
C ARG A 293 -14.96 0.45 9.53
N GLN A 294 -15.60 1.18 8.61
CA GLN A 294 -15.33 1.00 7.20
C GLN A 294 -14.35 2.01 6.65
N PHE A 295 -13.45 1.49 5.82
CA PHE A 295 -12.48 2.30 5.09
C PHE A 295 -12.38 1.81 3.65
N PRO A 296 -11.86 2.66 2.77
CA PRO A 296 -11.45 2.19 1.46
C PRO A 296 -10.30 1.21 1.56
N THR A 297 -9.86 0.66 0.45
CA THR A 297 -8.78 -0.33 0.45
C THR A 297 -7.43 0.29 0.71
N TYR A 298 -6.49 -0.54 1.14
CA TYR A 298 -5.17 -0.11 1.58
C TYR A 298 -5.21 1.21 2.36
N PRO A 299 -6.05 1.31 3.38
CA PRO A 299 -6.01 2.53 4.19
C PRO A 299 -4.69 2.66 4.89
N ALA A 300 -4.10 3.85 4.88
CA ALA A 300 -2.83 4.06 5.55
C ALA A 300 -3.04 4.24 7.04
N LEU A 301 -2.82 3.16 7.79
CA LEU A 301 -3.16 3.09 9.22
C LEU A 301 -1.88 2.85 10.02
N PHE A 302 -1.56 3.79 10.90
CA PHE A 302 -0.31 3.73 11.66
C PHE A 302 -0.59 3.73 13.15
N LEU A 303 0.20 2.95 13.89
CA LEU A 303 0.08 2.96 15.34
C LEU A 303 0.73 4.20 15.93
N MET A 304 -0.03 4.91 16.77
CA MET A 304 0.40 6.10 17.47
C MET A 304 0.92 5.74 18.88
N GLN A 305 1.62 6.67 19.47
CA GLN A 305 2.19 6.41 20.81
C GLN A 305 1.17 6.21 21.89
N ASN A 306 -0.04 6.73 21.72
CA ASN A 306 -1.12 6.45 22.67
C ASN A 306 -1.91 5.15 22.40
N GLY A 307 -1.49 4.39 21.40
CA GLY A 307 -2.13 3.13 21.07
C GLY A 307 -3.29 3.20 20.10
N LYS A 308 -3.70 4.42 19.78
CA LYS A 308 -4.69 4.62 18.75
C LYS A 308 -4.04 4.52 17.40
N ILE A 309 -4.88 4.43 16.38
CA ILE A 309 -4.44 4.31 15.02
C ILE A 309 -4.70 5.60 14.26
N PHE A 310 -3.66 6.11 13.60
CA PHE A 310 -3.81 7.23 12.75
C PHE A 310 -4.09 6.80 11.34
N TYR A 311 -5.22 7.28 10.81
CA TYR A 311 -5.57 7.10 9.38
C TYR A 311 -5.23 8.38 8.72
N SER A 312 -4.32 8.32 7.74
CA SER A 312 -3.85 9.54 7.10
C SER A 312 -4.82 10.00 6.03
N GLY A 313 -5.76 9.17 5.63
CA GLY A 313 -6.63 9.42 4.49
C GLY A 313 -6.15 8.79 3.19
N ALA A 314 -4.88 8.43 3.10
CA ALA A 314 -4.35 7.81 1.89
C ALA A 314 -4.90 6.42 1.76
N ASN A 315 -5.24 6.02 0.54
CA ASN A 315 -5.90 4.73 0.31
C ASN A 315 -5.85 4.40 -1.17
N ALA A 316 -6.16 3.17 -1.51
CA ALA A 316 -6.11 2.68 -2.90
C ALA A 316 -7.47 2.69 -3.57
N GLY A 317 -8.47 3.21 -2.90
CA GLY A 317 -9.80 3.39 -3.46
C GLY A 317 -10.79 2.29 -3.14
N TYR A 318 -11.91 2.31 -3.86
CA TYR A 318 -13.08 1.48 -3.62
C TYR A 318 -13.91 1.94 -2.43
N GLY A 319 -15.15 1.50 -2.39
CA GLY A 319 -16.09 1.98 -1.42
C GLY A 319 -16.61 3.35 -1.74
N PRO A 320 -17.48 3.84 -0.90
CA PRO A 320 -18.14 5.13 -1.16
C PRO A 320 -17.22 6.31 -0.93
N ASP A 321 -17.62 7.47 -1.43
CA ASP A 321 -16.82 8.67 -1.26
C ASP A 321 -17.06 9.40 0.04
N ASP A 322 -17.91 8.88 0.89
CA ASP A 322 -18.36 9.63 2.08
C ASP A 322 -18.34 8.84 3.38
N VAL A 323 -17.60 7.72 3.36
CA VAL A 323 -17.38 6.95 4.54
C VAL A 323 -15.90 6.62 4.52
N GLY A 324 -15.21 6.93 5.61
CA GLY A 324 -13.83 6.52 5.73
C GLY A 324 -12.86 7.25 4.85
N ARG A 325 -13.22 8.46 4.42
CA ARG A 325 -12.41 9.21 3.54
C ARG A 325 -11.74 10.38 4.25
N THR A 326 -12.10 10.62 5.50
CA THR A 326 -11.50 11.76 6.23
C THR A 326 -10.35 11.24 7.12
N PRO A 327 -9.17 11.88 7.10
CA PRO A 327 -8.13 11.50 8.08
C PRO A 327 -8.64 11.60 9.49
N GLY A 328 -8.05 10.79 10.36
CA GLY A 328 -8.43 10.88 11.75
C GLY A 328 -7.73 9.86 12.62
N VAL A 329 -8.10 9.91 13.89
CA VAL A 329 -7.53 9.06 14.92
C VAL A 329 -8.60 8.07 15.38
N TRP A 330 -8.27 6.79 15.26
CA TRP A 330 -9.18 5.71 15.53
C TRP A 330 -8.76 4.97 16.78
N ASP A 331 -9.60 4.97 17.81
CA ASP A 331 -9.37 4.10 18.97
C ASP A 331 -10.03 2.78 18.60
N VAL A 332 -9.21 1.78 18.28
CA VAL A 332 -9.73 0.53 17.79
C VAL A 332 -10.53 -0.20 18.89
N GLU A 333 -10.16 -0.02 20.13
CA GLU A 333 -10.85 -0.74 21.20
C GLU A 333 -12.25 -0.16 21.49
N THR A 334 -12.43 1.14 21.48
CA THR A 334 -13.77 1.74 21.62
C THR A 334 -14.51 1.94 20.34
N ASN A 335 -13.74 1.94 19.27
CA ASN A 335 -14.19 2.24 17.91
C ASN A 335 -14.36 3.71 17.58
N LYS A 336 -14.09 4.58 18.55
CA LYS A 336 -14.25 6.02 18.35
C LYS A 336 -13.30 6.51 17.28
N PHE A 337 -13.82 7.38 16.41
CA PHE A 337 -13.02 7.98 15.36
C PHE A 337 -13.14 9.48 15.48
N THR A 338 -12.01 10.16 15.55
CA THR A 338 -11.98 11.61 15.67
C THR A 338 -11.27 12.18 14.43
N LYS A 339 -12.00 12.93 13.60
CA LYS A 339 -11.44 13.46 12.36
C LYS A 339 -10.38 14.48 12.64
N VAL A 340 -9.36 14.52 11.79
CA VAL A 340 -8.27 15.46 11.84
C VAL A 340 -8.47 16.41 10.65
N PRO A 341 -8.68 17.73 10.93
CA PRO A 341 -8.94 18.73 9.88
C PRO A 341 -7.69 19.20 9.15
N GLY A 342 -7.91 19.98 8.11
CA GLY A 342 -6.85 20.72 7.49
C GLY A 342 -6.22 20.15 6.24
N MET A 343 -6.58 18.94 5.85
CA MET A 343 -6.00 18.30 4.69
C MET A 343 -6.30 19.07 3.38
N SER A 344 -5.25 19.59 2.76
CA SER A 344 -5.36 20.12 1.40
C SER A 344 -5.56 19.01 0.42
N ASP A 345 -6.27 19.24 -0.68
CA ASP A 345 -6.44 18.19 -1.71
C ASP A 345 -7.03 16.94 -1.06
N ALA A 346 -8.05 17.14 -0.23
CA ALA A 346 -8.71 16.02 0.43
C ALA A 346 -9.48 15.14 -0.56
N ASN A 347 -9.71 15.68 -1.76
CA ASN A 347 -10.26 14.98 -2.88
C ASN A 347 -9.24 14.24 -3.74
N MET A 348 -7.97 14.24 -3.30
CA MET A 348 -6.84 13.63 -4.03
C MET A 348 -6.00 12.84 -3.06
N LEU A 349 -6.66 11.93 -2.32
CA LEU A 349 -5.94 11.09 -1.38
C LEU A 349 -5.76 9.66 -1.87
N GLU A 350 -6.49 9.24 -2.89
CA GLU A 350 -6.21 7.93 -3.46
C GLU A 350 -4.86 7.93 -4.12
N THR A 351 -4.05 6.89 -3.87
CA THR A 351 -2.73 6.74 -4.47
C THR A 351 -1.68 7.72 -3.93
N ALA A 352 -1.98 8.40 -2.82
CA ALA A 352 -1.01 9.19 -2.10
C ALA A 352 -0.12 8.29 -1.24
N ASN A 353 1.08 8.74 -0.93
CA ASN A 353 1.92 8.04 0.00
C ASN A 353 1.79 8.68 1.36
N THR A 354 2.17 7.94 2.41
CA THR A 354 2.14 8.42 3.77
C THR A 354 3.41 7.95 4.44
N VAL A 355 4.04 8.83 5.19
CA VAL A 355 5.25 8.51 5.96
C VAL A 355 5.13 9.07 7.34
N LEU A 356 5.51 8.25 8.32
CA LEU A 356 5.76 8.73 9.69
C LEU A 356 7.17 9.30 9.66
N LEU A 357 7.28 10.62 9.68
CA LEU A 357 8.57 11.27 9.50
C LEU A 357 9.55 10.90 10.57
N PRO A 358 10.85 10.90 10.21
CA PRO A 358 11.88 10.64 11.19
C PRO A 358 12.14 11.88 12.03
N PRO A 359 12.37 11.79 13.36
CA PRO A 359 12.22 10.59 14.14
C PRO A 359 10.78 10.33 14.52
N ALA A 360 10.43 9.04 14.64
CA ALA A 360 9.08 8.63 14.95
C ALA A 360 8.55 9.15 16.27
N GLN A 361 9.46 9.47 17.19
CA GLN A 361 9.05 10.11 18.42
C GLN A 361 8.15 11.33 18.22
N ASP A 362 8.41 12.09 17.15
CA ASP A 362 7.71 13.37 16.96
C ASP A 362 6.26 13.22 16.53
N GLU A 363 5.87 12.04 16.03
CA GLU A 363 4.47 11.78 15.61
C GLU A 363 4.00 12.76 14.56
N LYS A 364 4.91 13.09 13.64
CA LYS A 364 4.56 13.90 12.49
C LYS A 364 4.42 13.02 11.26
N TYR A 365 3.25 13.11 10.62
CA TYR A 365 2.92 12.26 9.46
C TYR A 365 2.80 13.12 8.24
N MET A 366 3.34 12.68 7.13
CA MET A 366 3.28 13.40 5.87
C MET A 366 2.57 12.57 4.83
N VAL A 367 1.56 13.18 4.19
CA VAL A 367 0.83 12.62 3.06
C VAL A 367 1.29 13.35 1.78
N ILE A 368 1.64 12.58 0.79
CA ILE A 368 2.35 13.07 -0.37
C ILE A 368 1.58 12.72 -1.63
N GLY A 369 1.26 13.73 -2.43
CA GLY A 369 0.67 13.53 -3.72
C GLY A 369 -0.73 12.92 -3.64
N GLY A 370 -1.06 12.09 -4.61
CA GLY A 370 -2.36 11.51 -4.73
C GLY A 370 -3.12 11.98 -5.95
N GLY A 371 -4.23 11.32 -6.18
CA GLY A 371 -5.11 11.68 -7.27
C GLY A 371 -6.56 11.56 -6.92
N GLY A 372 -7.40 12.05 -7.84
CA GLY A 372 -8.81 12.00 -7.61
C GLY A 372 -9.34 10.58 -7.62
N VAL A 373 -10.56 10.44 -7.12
CA VAL A 373 -11.10 9.11 -6.96
C VAL A 373 -11.17 8.36 -8.32
N GLY A 374 -10.92 7.05 -8.26
CA GLY A 374 -11.00 6.21 -9.45
C GLY A 374 -10.04 6.65 -10.51
N GLU A 375 -10.55 6.88 -11.72
CA GLU A 375 -9.72 7.17 -12.88
C GLU A 375 -9.62 8.63 -13.16
N SER A 376 -9.86 9.44 -12.15
CA SER A 376 -9.81 10.88 -12.27
C SER A 376 -8.51 11.38 -12.83
N LYS A 377 -8.61 12.49 -13.58
CA LYS A 377 -7.42 13.23 -14.03
C LYS A 377 -6.81 14.13 -12.98
N LEU A 378 -7.47 14.34 -11.87
CA LEU A 378 -6.91 15.18 -10.84
C LEU A 378 -5.68 14.51 -10.20
N SER A 379 -4.66 15.29 -9.93
CA SER A 379 -3.50 14.85 -9.16
C SER A 379 -2.92 15.99 -8.35
N SER A 380 -2.39 15.66 -7.15
CA SER A 380 -1.95 16.63 -6.17
C SER A 380 -0.43 16.81 -6.18
N GLU A 381 0.04 18.04 -6.16
CA GLU A 381 1.43 18.32 -5.95
C GLU A 381 1.78 18.59 -4.48
N LYS A 382 0.83 18.45 -3.56
CA LYS A 382 1.05 18.85 -2.20
C LYS A 382 1.60 17.76 -1.31
N THR A 383 2.32 18.21 -0.30
CA THR A 383 2.54 17.46 0.91
C THR A 383 1.72 18.07 2.01
N ARG A 384 1.23 17.22 2.91
CA ARG A 384 0.41 17.68 4.04
C ARG A 384 0.96 17.00 5.27
N ILE A 385 1.20 17.76 6.33
CA ILE A 385 1.88 17.25 7.50
C ILE A 385 0.99 17.44 8.71
N ALA A 386 0.75 16.37 9.48
CA ALA A 386 -0.01 16.44 10.70
C ALA A 386 0.89 16.10 11.85
N ASP A 387 0.88 16.92 12.89
CA ASP A 387 1.62 16.70 14.13
C ASP A 387 0.68 16.15 15.21
N LEU A 388 0.76 14.87 15.48
CA LEU A 388 -0.20 14.27 16.37
C LEU A 388 0.12 14.45 17.85
N LYS A 389 1.21 15.14 18.16
CA LYS A 389 1.44 15.55 19.55
C LYS A 389 0.64 16.78 19.95
N ALA A 390 0.11 17.52 18.98
CA ALA A 390 -0.72 18.67 19.27
C ALA A 390 -2.03 18.26 19.96
N ASP A 391 -2.55 19.13 20.82
CA ASP A 391 -3.85 18.89 21.47
C ASP A 391 -4.99 18.92 20.46
N ASP A 392 -4.92 19.88 19.53
CA ASP A 392 -5.84 19.98 18.39
C ASP A 392 -5.04 19.72 17.10
N PRO A 393 -4.83 18.44 16.76
CA PRO A 393 -4.00 18.18 15.58
C PRO A 393 -4.67 18.60 14.31
N LYS A 394 -3.86 18.97 13.33
CA LYS A 394 -4.35 19.36 12.04
C LYS A 394 -3.25 19.13 11.02
N PHE A 395 -3.67 18.99 9.78
CA PHE A 395 -2.77 19.03 8.65
C PHE A 395 -2.48 20.48 8.26
N VAL A 396 -1.21 20.69 7.91
CA VAL A 396 -0.76 21.96 7.29
C VAL A 396 0.05 21.57 6.09
N ASP A 397 0.02 22.38 5.04
CA ASP A 397 0.78 22.05 3.85
C ASP A 397 2.27 22.09 4.15
N GLY A 398 2.99 21.12 3.58
CA GLY A 398 4.44 21.14 3.55
C GLY A 398 4.89 21.65 2.19
N PRO A 399 6.15 21.40 1.85
CA PRO A 399 6.63 21.82 0.55
C PRO A 399 5.94 21.08 -0.59
N SER A 400 5.81 21.75 -1.72
CA SER A 400 5.19 21.14 -2.86
C SER A 400 6.14 20.51 -3.85
N LEU A 401 5.64 19.51 -4.56
CA LEU A 401 6.26 18.96 -5.74
C LEU A 401 6.04 19.93 -6.90
N GLU A 402 6.70 19.69 -8.01
CA GLU A 402 6.51 20.52 -9.20
C GLU A 402 5.19 20.21 -9.90
N LYS A 403 4.79 18.94 -9.95
CA LYS A 403 3.66 18.49 -10.73
C LYS A 403 2.78 17.66 -9.83
N GLY A 404 1.51 17.59 -10.15
CA GLY A 404 0.62 16.67 -9.49
C GLY A 404 1.15 15.26 -9.69
N THR A 405 1.14 14.50 -8.62
CA THR A 405 1.84 13.20 -8.60
C THR A 405 1.01 12.13 -7.91
N ARG A 406 0.46 11.18 -8.67
CA ARG A 406 -0.03 9.92 -8.12
C ARG A 406 1.14 8.96 -7.87
N TYR A 407 0.97 8.06 -6.89
CA TYR A 407 1.90 6.95 -6.69
C TYR A 407 3.33 7.32 -6.30
N PRO A 408 3.60 8.47 -5.67
CA PRO A 408 5.02 8.71 -5.35
C PRO A 408 5.55 7.67 -4.41
N GLN A 409 6.77 7.21 -4.68
CA GLN A 409 7.50 6.37 -3.74
C GLN A 409 8.07 7.25 -2.63
N ALA A 410 8.13 6.75 -1.39
CA ALA A 410 8.61 7.51 -0.28
C ALA A 410 9.25 6.62 0.75
N SER A 411 10.54 6.78 0.96
CA SER A 411 11.32 5.92 1.86
C SER A 411 12.11 6.77 2.82
N ILE A 412 12.04 6.47 4.10
CA ILE A 412 12.84 7.12 5.13
C ILE A 412 14.30 6.67 5.00
N LEU A 413 15.23 7.61 5.06
CA LEU A 413 16.66 7.32 5.04
C LEU A 413 17.27 7.51 6.43
N PRO A 414 18.44 6.91 6.66
CA PRO A 414 19.05 6.95 7.99
C PRO A 414 19.59 8.26 8.50
N ASP A 415 19.66 9.26 7.64
CA ASP A 415 20.05 10.60 8.04
C ASP A 415 18.86 11.51 8.38
N ASP A 416 17.65 10.93 8.43
CA ASP A 416 16.39 11.64 8.69
C ASP A 416 15.79 12.32 7.48
N SER A 417 16.44 12.23 6.32
CA SER A 417 15.78 12.60 5.08
C SER A 417 14.77 11.55 4.64
N VAL A 418 13.84 11.98 3.80
CA VAL A 418 12.89 11.10 3.16
C VAL A 418 13.04 11.23 1.66
N LEU A 419 13.31 10.16 0.98
CA LEU A 419 13.39 10.13 -0.47
C LEU A 419 12.03 10.01 -1.07
N VAL A 420 11.61 10.98 -1.87
CA VAL A 420 10.31 11.03 -2.51
C VAL A 420 10.57 11.02 -4.00
N SER A 421 10.14 9.98 -4.68
CA SER A 421 10.56 9.74 -6.07
C SER A 421 9.45 9.16 -6.92
N GLY A 422 9.52 9.46 -8.20
CA GLY A 422 8.67 8.82 -9.16
C GLY A 422 7.23 9.24 -9.03
N GLY A 423 6.35 8.34 -9.45
CA GLY A 423 4.95 8.65 -9.58
C GLY A 423 4.59 9.10 -10.98
N SER A 424 3.33 9.43 -11.19
CA SER A 424 2.89 9.90 -12.50
C SER A 424 1.87 10.98 -12.35
N GLN A 425 1.75 11.81 -13.38
CA GLN A 425 0.85 12.93 -13.28
C GLN A 425 -0.62 12.51 -13.45
N ASP A 426 -0.86 11.37 -14.08
CA ASP A 426 -2.20 10.87 -14.29
C ASP A 426 -2.32 9.40 -13.96
N TYR A 427 -3.56 8.93 -13.97
CA TYR A 427 -3.93 7.55 -13.66
C TYR A 427 -3.11 6.53 -14.42
N ARG A 428 -2.43 5.63 -13.71
CA ARG A 428 -1.66 4.57 -14.33
C ARG A 428 -0.71 5.05 -15.43
N GLY A 429 -0.12 6.21 -15.21
CA GLY A 429 0.84 6.74 -16.18
C GLY A 429 0.25 7.10 -17.53
N ARG A 430 -1.06 7.23 -17.66
N ARG A 430 -1.06 7.31 -17.59
CA ARG A 430 -1.60 7.43 -19.00
CA ARG A 430 -1.79 7.66 -18.84
C ARG A 430 -1.14 8.80 -19.53
C ARG A 430 -1.14 8.88 -19.50
N GLY A 431 -1.11 8.88 -20.85
CA GLY A 431 -0.47 9.98 -21.57
C GLY A 431 1.03 10.04 -21.33
N ASP A 432 1.64 8.89 -21.12
CA ASP A 432 3.07 8.78 -20.78
CA ASP A 432 3.07 8.80 -20.82
C ASP A 432 3.46 9.80 -19.74
N SER A 433 2.74 9.76 -18.61
CA SER A 433 2.86 10.78 -17.58
C SER A 433 3.74 10.43 -16.38
N ASN A 434 4.58 9.40 -16.50
CA ASN A 434 5.57 9.14 -15.43
C ASN A 434 6.43 10.37 -15.21
N ILE A 435 6.68 10.66 -13.96
CA ILE A 435 7.48 11.81 -13.52
C ILE A 435 8.83 11.26 -13.11
N LEU A 436 9.85 11.53 -13.90
CA LEU A 436 11.19 11.01 -13.58
CA LEU A 436 11.20 11.07 -13.64
C LEU A 436 11.94 12.08 -12.77
N GLN A 437 11.49 12.27 -11.53
CA GLN A 437 12.06 13.22 -10.60
C GLN A 437 12.15 12.59 -9.24
N ALA A 438 13.21 12.90 -8.54
CA ALA A 438 13.41 12.49 -7.15
C ALA A 438 13.81 13.67 -6.30
N ARG A 439 13.43 13.65 -5.04
CA ARG A 439 13.71 14.67 -4.09
C ARG A 439 14.04 14.05 -2.75
N LEU A 440 14.84 14.75 -1.99
CA LEU A 440 14.98 14.51 -0.57
C LEU A 440 14.19 15.53 0.20
N TYR A 441 13.30 15.08 1.07
CA TYR A 441 12.61 15.94 2.04
C TYR A 441 13.48 15.99 3.29
N HIS A 442 13.69 17.20 3.79
CA HIS A 442 14.49 17.41 4.97
C HIS A 442 13.57 17.91 6.07
N PRO A 443 13.24 17.07 7.07
CA PRO A 443 12.27 17.53 8.11
C PRO A 443 12.77 18.74 8.91
N ASP A 444 14.07 18.88 9.06
CA ASP A 444 14.62 20.00 9.84
C ASP A 444 14.46 21.37 9.15
N THR A 445 14.45 21.40 7.82
CA THR A 445 14.21 22.63 7.07
C THR A 445 12.81 22.71 6.48
N ASN A 446 12.08 21.59 6.52
CA ASN A 446 10.78 21.49 5.85
C ASN A 446 10.80 21.85 4.39
N GLU A 447 11.88 21.45 3.72
CA GLU A 447 12.00 21.68 2.29
C GLU A 447 12.41 20.45 1.55
N PHE A 448 12.13 20.48 0.25
CA PHE A 448 12.63 19.47 -0.70
C PHE A 448 13.92 19.95 -1.35
N GLU A 449 14.79 18.99 -1.59
CA GLU A 449 16.02 19.17 -2.36
C GLU A 449 15.90 18.22 -3.54
N ARG A 450 15.93 18.71 -4.76
CA ARG A 450 15.97 17.86 -5.91
C ARG A 450 17.30 17.09 -6.00
N VAL A 451 17.20 15.81 -6.29
CA VAL A 451 18.37 14.95 -6.47
C VAL A 451 18.35 14.33 -7.87
N ALA A 452 19.16 13.32 -8.13
CA ALA A 452 19.27 12.74 -9.48
C ALA A 452 17.93 12.17 -9.92
N ASP A 453 17.62 12.32 -11.19
CA ASP A 453 16.38 11.75 -11.77
C ASP A 453 16.46 10.24 -11.81
N PRO A 454 15.39 9.54 -11.38
CA PRO A 454 15.35 8.13 -11.66
C PRO A 454 15.41 7.81 -13.13
N LEU A 455 15.85 6.60 -13.43
CA LEU A 455 15.99 6.17 -14.82
C LEU A 455 14.74 5.54 -15.37
N VAL A 456 13.96 4.92 -14.51
CA VAL A 456 12.79 4.18 -14.91
C VAL A 456 11.56 4.84 -14.28
N GLY A 457 10.51 5.00 -15.07
CA GLY A 457 9.24 5.52 -14.61
C GLY A 457 8.50 4.53 -13.75
N ARG A 458 7.91 5.02 -12.67
N ARG A 458 7.83 5.04 -12.73
CA ARG A 458 7.19 4.17 -11.69
CA ARG A 458 7.13 4.18 -11.78
C ARG A 458 5.85 4.79 -11.32
C ARG A 458 5.84 4.78 -11.31
N ASN A 459 4.74 4.15 -11.71
CA ASN A 459 3.40 4.63 -11.41
C ASN A 459 2.70 3.59 -10.54
N TYR A 460 1.53 3.12 -10.95
CA TYR A 460 0.78 2.07 -10.24
C TYR A 460 1.62 0.83 -10.06
N HIS A 461 1.45 0.15 -8.92
CA HIS A 461 2.14 -1.11 -8.66
C HIS A 461 3.65 -0.96 -8.62
N SER A 462 4.12 0.07 -7.92
CA SER A 462 5.54 0.32 -7.69
C SER A 462 5.83 0.36 -6.22
N GLY A 463 7.11 0.54 -5.87
CA GLY A 463 7.45 0.77 -4.50
C GLY A 463 8.93 0.96 -4.31
N SER A 464 9.34 1.13 -3.06
CA SER A 464 10.74 1.37 -2.73
C SER A 464 11.06 0.83 -1.37
N ILE A 465 12.30 0.36 -1.23
CA ILE A 465 12.78 -0.30 -0.01
C ILE A 465 14.19 0.21 0.33
N LEU A 466 14.35 0.71 1.54
CA LEU A 466 15.70 0.99 2.07
C LEU A 466 16.42 -0.31 2.39
N LEU A 467 17.68 -0.40 1.95
CA LEU A 467 18.49 -1.57 2.17
C LEU A 467 19.48 -1.33 3.33
N PRO A 468 20.03 -2.42 3.88
CA PRO A 468 20.98 -2.29 4.99
C PRO A 468 22.25 -1.52 4.68
N ASP A 469 22.61 -1.44 3.40
CA ASP A 469 23.80 -0.67 3.03
C ASP A 469 23.53 0.79 2.85
N GLY A 470 22.29 1.24 3.05
CA GLY A 470 21.91 2.64 2.89
C GLY A 470 21.50 3.05 1.47
N ARG A 471 21.57 2.13 0.53
N ARG A 471 21.59 2.12 0.52
CA ARG A 471 20.99 2.36 -0.79
CA ARG A 471 21.04 2.31 -0.82
C ARG A 471 19.57 1.89 -0.77
C ARG A 471 19.57 1.93 -0.75
N LEU A 472 18.85 2.20 -1.84
CA LEU A 472 17.42 1.90 -1.93
C LEU A 472 17.09 1.19 -3.21
N MET A 473 16.18 0.22 -3.12
CA MET A 473 15.72 -0.51 -4.28
C MET A 473 14.34 -0.02 -4.65
N PHE A 474 14.12 0.16 -5.95
CA PHE A 474 12.86 0.58 -6.52
C PHE A 474 12.37 -0.47 -7.47
N PHE A 475 11.07 -0.76 -7.43
CA PHE A 475 10.50 -1.83 -8.24
C PHE A 475 9.16 -1.46 -8.82
N GLY A 476 8.71 -2.24 -9.78
CA GLY A 476 7.37 -2.20 -10.28
C GLY A 476 7.12 -1.18 -11.34
N SER A 477 5.82 -0.99 -11.60
CA SER A 477 5.16 0.02 -12.44
C SER A 477 4.34 -0.60 -13.52
N ASP A 478 3.05 -0.29 -13.51
CA ASP A 478 2.06 -0.99 -14.30
C ASP A 478 1.23 -0.01 -15.08
N SER A 479 1.84 0.59 -16.09
CA SER A 479 1.13 1.53 -16.93
C SER A 479 -0.02 0.89 -17.66
N LEU A 480 -1.11 1.65 -17.81
CA LEU A 480 -2.29 1.13 -18.52
C LEU A 480 -2.02 1.04 -20.01
N TYR A 481 -1.26 1.98 -20.52
CA TYR A 481 -0.97 2.04 -21.94
C TYR A 481 0.52 2.08 -22.17
N ALA A 482 0.95 1.62 -23.35
CA ALA A 482 2.36 1.62 -23.74
C ALA A 482 2.83 2.92 -24.39
N ASP A 483 1.87 3.74 -24.84
CA ASP A 483 2.19 4.92 -25.60
C ASP A 483 1.48 6.13 -25.08
N LYS A 484 2.01 7.29 -25.44
CA LYS A 484 1.45 8.56 -25.04
C LYS A 484 0.03 8.76 -25.52
N ALA A 485 -0.27 8.27 -26.72
CA ALA A 485 -1.60 8.35 -27.29
C ALA A 485 -2.64 7.45 -26.65
N ASN A 486 -2.20 6.52 -25.79
CA ASN A 486 -3.14 5.62 -25.07
C ASN A 486 -3.92 4.69 -26.01
N THR A 487 -3.21 4.14 -26.99
CA THR A 487 -3.81 3.22 -27.98
C THR A 487 -3.41 1.77 -27.86
N LYS A 488 -2.34 1.48 -27.09
CA LYS A 488 -1.77 0.15 -27.01
C LYS A 488 -1.61 -0.20 -25.53
N PRO A 489 -1.77 -1.47 -25.18
CA PRO A 489 -1.74 -1.85 -23.77
C PRO A 489 -0.35 -1.80 -23.20
N GLY A 490 -0.29 -1.37 -21.94
CA GLY A 490 0.96 -1.26 -21.26
C GLY A 490 1.52 -2.62 -20.93
N LYS A 491 2.82 -2.65 -20.67
CA LYS A 491 3.55 -3.84 -20.26
C LYS A 491 4.18 -3.56 -18.91
N PHE A 492 4.01 -4.48 -17.97
CA PHE A 492 4.54 -4.30 -16.64
C PHE A 492 6.06 -4.10 -16.68
N GLU A 493 6.54 -3.18 -15.84
CA GLU A 493 7.93 -2.83 -15.74
C GLU A 493 8.63 -3.85 -14.85
N GLN A 494 9.52 -4.63 -15.44
CA GLN A 494 10.24 -5.68 -14.74
C GLN A 494 11.64 -5.28 -14.32
N ARG A 495 12.06 -4.08 -14.67
CA ARG A 495 13.36 -3.63 -14.25
C ARG A 495 13.31 -3.16 -12.79
N ILE A 496 14.44 -3.29 -12.11
CA ILE A 496 14.66 -2.87 -10.75
CA ILE A 496 14.56 -2.69 -10.77
C ILE A 496 15.73 -1.76 -10.81
N GLU A 497 15.67 -0.76 -9.93
CA GLU A 497 16.72 0.23 -9.84
C GLU A 497 17.25 0.25 -8.42
N ILE A 498 18.53 0.59 -8.29
CA ILE A 498 19.12 0.95 -7.02
C ILE A 498 19.50 2.40 -7.03
N TYR A 499 19.08 3.14 -6.02
CA TYR A 499 19.49 4.49 -5.83
C TYR A 499 20.54 4.56 -4.75
N THR A 500 21.65 5.23 -5.05
CA THR A 500 22.70 5.47 -4.08
C THR A 500 22.64 6.96 -3.71
N PRO A 501 22.29 7.29 -2.47
CA PRO A 501 22.07 8.69 -2.13
C PRO A 501 23.41 9.47 -2.06
N PRO A 502 23.33 10.78 -2.00
CA PRO A 502 24.55 11.61 -1.94
C PRO A 502 25.47 11.22 -0.80
N TYR A 503 24.90 10.75 0.32
CA TYR A 503 25.71 10.43 1.50
C TYR A 503 26.70 9.29 1.32
N LEU A 504 26.61 8.53 0.23
CA LEU A 504 27.60 7.53 -0.07
C LEU A 504 28.67 8.01 -1.05
N TYR A 505 28.60 9.27 -1.44
CA TYR A 505 29.59 9.92 -2.37
C TYR A 505 30.38 11.00 -1.69
N ARG A 506 30.71 10.74 -0.43
N ARG A 506 30.72 10.81 -0.43
CA ARG A 506 31.26 11.71 0.50
CA ARG A 506 31.54 11.81 0.28
C ARG A 506 32.54 11.06 1.09
C ARG A 506 32.61 11.05 1.07
N ASP A 507 32.91 11.43 2.31
CA ASP A 507 33.98 10.76 3.05
C ASP A 507 33.59 9.31 3.45
N SER A 508 34.59 8.56 3.88
CA SER A 508 34.40 7.19 4.31
C SER A 508 33.32 7.11 5.38
N ARG A 509 32.61 6.01 5.37
CA ARG A 509 31.47 5.93 6.26
C ARG A 509 31.92 5.38 7.61
N PRO A 510 31.19 5.71 8.69
CA PRO A 510 31.49 5.10 9.96
C PRO A 510 31.35 3.59 9.91
N ASP A 511 32.28 2.91 10.57
CA ASP A 511 32.22 1.48 10.71
C ASP A 511 31.27 1.12 11.86
N LEU A 512 30.71 -0.09 11.82
CA LEU A 512 29.83 -0.54 12.87
C LEU A 512 29.79 -2.06 12.88
N SER A 513 30.10 -2.64 14.04
CA SER A 513 30.00 -4.08 14.19
C SER A 513 29.46 -4.40 15.56
N GLY A 514 29.06 -5.66 15.74
CA GLY A 514 28.45 -6.10 17.00
C GLY A 514 27.05 -6.66 16.88
N GLY A 515 26.41 -6.53 15.71
CA GLY A 515 25.12 -7.19 15.44
C GLY A 515 25.26 -8.59 14.86
N PRO A 516 24.19 -9.39 14.84
CA PRO A 516 22.86 -8.98 15.36
C PRO A 516 22.78 -9.09 16.87
N GLN A 517 21.92 -8.29 17.46
CA GLN A 517 21.79 -8.26 18.91
C GLN A 517 20.33 -8.17 19.20
N THR A 518 19.92 -8.70 20.32
CA THR A 518 18.62 -8.39 20.91
C THR A 518 18.78 -7.28 21.93
N ILE A 519 18.02 -6.21 21.79
CA ILE A 519 18.00 -5.14 22.79
C ILE A 519 16.55 -4.81 23.09
N ALA A 520 16.20 -4.91 24.34
CA ALA A 520 14.84 -4.63 24.80
C ALA A 520 14.60 -3.15 24.91
N ARG A 521 13.34 -2.78 24.75
CA ARG A 521 12.91 -1.43 25.05
C ARG A 521 13.37 -1.06 26.45
N GLY A 522 13.94 0.13 26.54
CA GLY A 522 14.51 0.64 27.79
C GLY A 522 15.84 0.06 28.17
N GLY A 523 16.37 -0.82 27.33
CA GLY A 523 17.64 -1.50 27.54
C GLY A 523 18.70 -0.95 26.62
N SER A 524 19.92 -1.40 26.87
CA SER A 524 21.07 -0.91 26.14
C SER A 524 21.87 -2.03 25.53
N GLY A 525 22.57 -1.72 24.46
CA GLY A 525 23.52 -2.64 23.83
C GLY A 525 24.72 -1.87 23.35
N THR A 526 25.87 -2.57 23.32
CA THR A 526 27.14 -1.96 22.97
C THR A 526 27.64 -2.57 21.68
N PHE A 527 28.12 -1.70 20.81
CA PHE A 527 28.61 -2.02 19.49
C PHE A 527 30.04 -1.48 19.39
N THR A 528 30.77 -1.98 18.41
CA THR A 528 32.09 -1.46 18.10
C THR A 528 32.05 -0.55 16.90
N SER A 529 32.62 0.64 17.08
CA SER A 529 32.86 1.52 15.96
C SER A 529 34.18 2.25 16.21
N ARG A 530 35.16 2.03 15.36
CA ARG A 530 36.38 2.86 15.40
C ARG A 530 36.05 4.35 15.28
N ALA A 531 34.98 4.66 14.54
CA ALA A 531 34.47 6.02 14.39
C ALA A 531 33.43 6.42 15.43
N ALA A 532 33.38 5.75 16.58
CA ALA A 532 32.34 6.03 17.57
C ALA A 532 32.26 7.49 17.98
N SER A 533 33.41 8.16 18.15
CA SER A 533 33.39 9.55 18.58
C SER A 533 32.87 10.56 17.53
N THR A 534 32.71 10.10 16.28
CA THR A 534 32.14 10.91 15.23
C THR A 534 30.61 10.77 15.12
N VAL A 535 30.02 9.84 15.86
CA VAL A 535 28.60 9.57 15.67
C VAL A 535 27.78 10.72 16.23
N LYS A 536 26.81 11.19 15.46
CA LYS A 536 25.87 12.19 15.91
C LYS A 536 24.44 11.68 16.07
N LYS A 537 24.09 10.64 15.32
CA LYS A 537 22.72 10.12 15.31
C LYS A 537 22.77 8.62 15.27
N VAL A 538 21.87 8.01 16.02
CA VAL A 538 21.66 6.57 15.92
C VAL A 538 20.16 6.41 15.64
N ARG A 539 19.84 5.60 14.64
CA ARG A 539 18.46 5.37 14.24
C ARG A 539 18.17 3.88 14.14
N LEU A 540 17.04 3.49 14.71
CA LEU A 540 16.51 2.17 14.56
C LEU A 540 15.38 2.23 13.55
N ILE A 541 15.57 1.62 12.39
CA ILE A 541 14.63 1.78 11.27
C ILE A 541 13.98 0.46 10.99
N ARG A 542 12.67 0.44 11.05
CA ARG A 542 11.93 -0.78 10.80
C ARG A 542 11.95 -1.02 9.29
N PRO A 543 12.22 -2.25 8.83
CA PRO A 543 12.27 -2.54 7.41
C PRO A 543 10.93 -2.30 6.75
N SER A 544 10.95 -1.88 5.50
CA SER A 544 9.73 -1.59 4.78
C SER A 544 9.07 -2.87 4.33
N ALA A 545 7.75 -2.79 4.21
CA ALA A 545 6.94 -3.70 3.42
C ALA A 545 6.05 -2.78 2.59
N SER A 546 6.30 -2.71 1.31
CA SER A 546 5.74 -1.69 0.47
C SER A 546 4.88 -2.30 -0.62
N THR A 547 3.69 -1.76 -0.80
CA THR A 547 2.83 -2.07 -1.93
C THR A 547 1.78 -1.00 -2.08
N HIS A 548 1.38 -0.74 -3.32
CA HIS A 548 0.31 0.19 -3.61
C HIS A 548 0.44 1.48 -2.84
N VAL A 549 1.62 2.09 -2.87
CA VAL A 549 1.85 3.39 -2.30
C VAL A 549 1.64 3.42 -0.78
N THR A 550 1.80 2.25 -0.14
CA THR A 550 1.43 2.06 1.24
C THR A 550 2.54 1.30 1.93
N ASP A 551 3.00 1.80 3.06
CA ASP A 551 4.01 1.13 3.88
C ASP A 551 3.79 1.53 5.31
N VAL A 552 3.11 0.68 6.06
CA VAL A 552 2.84 1.00 7.45
C VAL A 552 3.92 0.49 8.34
N ASP A 553 4.92 -0.19 7.78
CA ASP A 553 6.01 -0.76 8.56
C ASP A 553 7.10 0.24 8.81
N GLN A 554 7.54 1.00 7.80
CA GLN A 554 8.73 1.79 8.00
C GLN A 554 8.49 2.90 9.04
N ARG A 555 9.51 3.09 9.89
CA ARG A 555 9.55 4.17 10.87
C ARG A 555 10.98 4.20 11.34
N SER A 556 11.44 5.37 11.70
CA SER A 556 12.82 5.52 12.16
C SER A 556 12.80 6.15 13.54
N ILE A 557 13.36 5.45 14.50
CA ILE A 557 13.29 5.79 15.91
C ILE A 557 14.65 6.28 16.36
N ALA A 558 14.70 7.47 16.97
CA ALA A 558 16.01 7.93 17.50
C ALA A 558 16.42 7.19 18.74
N LEU A 559 17.70 6.84 18.83
CA LEU A 559 18.25 6.21 20.05
C LEU A 559 19.24 7.13 20.72
N ASP A 560 19.14 7.20 22.04
CA ASP A 560 20.18 7.85 22.82
C ASP A 560 21.43 6.97 22.74
N PHE A 561 22.61 7.59 22.81
CA PHE A 561 23.85 6.82 22.73
C PHE A 561 24.98 7.53 23.48
N LYS A 562 25.98 6.72 23.79
CA LYS A 562 27.24 7.25 24.35
C LYS A 562 28.41 6.56 23.66
N ALA A 563 29.45 7.33 23.34
CA ALA A 563 30.66 6.77 22.74
C ALA A 563 31.76 6.83 23.78
N ASP A 564 32.55 5.78 23.83
CA ASP A 564 33.76 5.73 24.68
C ASP A 564 34.81 4.91 23.93
N GLY A 565 35.82 5.58 23.40
CA GLY A 565 36.83 4.87 22.62
C GLY A 565 36.15 4.30 21.37
N ASP A 566 36.33 3.02 21.13
CA ASP A 566 35.74 2.38 19.95
C ASP A 566 34.39 1.70 20.28
N LYS A 567 33.81 2.04 21.44
CA LYS A 567 32.57 1.43 21.92
C LYS A 567 31.43 2.44 21.87
N LEU A 568 30.32 2.02 21.26
CA LEU A 568 29.13 2.82 21.15
C LEU A 568 28.02 2.09 21.89
N THR A 569 27.49 2.69 22.94
CA THR A 569 26.38 2.11 23.72
C THR A 569 25.13 2.85 23.33
N VAL A 570 24.11 2.11 22.95
CA VAL A 570 22.83 2.71 22.53
C VAL A 570 21.74 2.25 23.46
N THR A 571 20.70 3.06 23.60
CA THR A 571 19.57 2.69 24.47
C THR A 571 18.29 2.81 23.65
N VAL A 572 17.51 1.76 23.67
CA VAL A 572 16.26 1.72 22.94
C VAL A 572 15.20 2.46 23.77
N PRO A 573 14.41 3.32 23.12
CA PRO A 573 13.37 4.01 23.85
C PRO A 573 12.31 3.06 24.43
N SER A 574 11.65 3.53 25.47
CA SER A 574 10.49 2.88 26.02
C SER A 574 9.26 3.05 25.13
N GLY A 575 8.36 2.08 25.22
CA GLY A 575 7.01 2.18 24.70
C GLY A 575 6.81 1.28 23.48
N LYS A 576 6.05 0.20 23.63
CA LYS A 576 5.73 -0.72 22.56
C LYS A 576 4.90 -0.09 21.45
N ASN A 577 4.23 1.01 21.74
CA ASN A 577 3.52 1.72 20.68
C ASN A 577 4.47 2.47 19.77
N LEU A 578 5.66 2.82 20.23
CA LEU A 578 6.67 3.48 19.47
C LEU A 578 7.61 2.46 18.84
N VAL A 579 8.27 1.67 19.69
CA VAL A 579 9.23 0.67 19.27
C VAL A 579 8.48 -0.65 19.25
N GLN A 580 7.76 -0.90 18.16
CA GLN A 580 7.01 -2.18 18.01
C GLN A 580 8.04 -3.32 18.10
N SER A 581 7.63 -4.44 18.70
CA SER A 581 8.51 -5.58 18.73
C SER A 581 8.77 -6.10 17.31
N GLY A 582 9.99 -6.56 17.10
CA GLY A 582 10.42 -7.00 15.80
C GLY A 582 11.84 -6.60 15.52
N TRP A 583 12.23 -6.79 14.28
CA TRP A 583 13.59 -6.56 13.86
C TRP A 583 13.71 -5.20 13.20
N TYR A 584 14.85 -4.56 13.41
CA TYR A 584 15.16 -3.25 12.95
C TYR A 584 16.58 -3.21 12.40
N MET A 585 16.78 -2.33 11.42
CA MET A 585 18.12 -1.88 11.03
C MET A 585 18.60 -0.80 11.95
N MET A 586 19.81 -0.93 12.53
CA MET A 586 20.38 0.14 13.28
C MET A 586 21.49 0.80 12.46
N PHE A 587 21.32 2.08 12.21
CA PHE A 587 22.30 2.88 11.48
C PHE A 587 22.89 3.92 12.43
N VAL A 588 24.18 4.18 12.28
CA VAL A 588 24.79 5.32 12.97
C VAL A 588 25.24 6.30 11.91
N THR A 589 25.07 7.58 12.17
CA THR A 589 25.43 8.58 11.19
C THR A 589 26.36 9.58 11.84
N ASP A 590 27.39 9.97 11.07
CA ASP A 590 28.41 10.89 11.64
C ASP A 590 28.02 12.34 11.45
N GLY A 591 28.95 13.24 11.80
CA GLY A 591 28.71 14.68 11.68
C GLY A 591 28.69 15.27 10.28
N GLU A 592 29.11 14.48 9.30
CA GLU A 592 28.98 14.81 7.88
C GLU A 592 27.64 14.31 7.31
N GLY A 593 26.88 13.56 8.11
CA GLY A 593 25.62 12.96 7.65
C GLY A 593 25.79 11.65 6.93
N THR A 594 26.93 11.01 7.08
CA THR A 594 27.23 9.74 6.40
C THR A 594 26.86 8.57 7.30
N PRO A 595 25.98 7.68 6.84
CA PRO A 595 25.57 6.53 7.65
C PRO A 595 26.47 5.33 7.51
N SER A 596 26.63 4.59 8.58
CA SER A 596 27.15 3.24 8.52
C SER A 596 26.25 2.35 7.71
N LYS A 597 26.75 1.17 7.36
CA LYS A 597 25.87 0.08 7.03
C LYS A 597 25.14 -0.33 8.28
N ALA A 598 23.93 -0.88 8.13
CA ALA A 598 23.16 -1.24 9.29
C ALA A 598 23.58 -2.53 9.95
N GLU A 599 23.40 -2.58 11.27
CA GLU A 599 23.38 -3.81 12.01
C GLU A 599 21.96 -4.13 12.37
N TRP A 600 21.63 -5.41 12.39
CA TRP A 600 20.28 -5.84 12.78
C TRP A 600 20.09 -5.94 14.28
N VAL A 601 18.96 -5.43 14.77
CA VAL A 601 18.62 -5.42 16.19
C VAL A 601 17.21 -5.96 16.33
N ARG A 602 17.04 -6.96 17.17
CA ARG A 602 15.73 -7.47 17.51
C ARG A 602 15.28 -6.86 18.80
N VAL A 603 14.08 -6.30 18.78
CA VAL A 603 13.41 -5.79 19.98
C VAL A 603 12.33 -6.77 20.36
N PRO A 604 12.41 -7.36 21.55
CA PRO A 604 11.37 -8.32 21.97
C PRO A 604 9.99 -7.72 22.15
CU CU B . -3.21 -3.46 -7.50
CU CU C . -8.91 -15.10 -16.50
C ACT D . -18.25 8.01 13.21
O ACT D . -18.67 6.94 13.71
OXT ACT D . -17.54 8.80 13.89
CH3 ACT D . -18.58 8.33 11.79
C ACT E . -17.18 9.33 7.83
O ACT E . -17.17 8.11 8.02
OXT ACT E . -16.16 9.90 7.36
CH3 ACT E . -18.41 10.12 8.17
P PO4 F . -33.57 8.87 -11.17
O1 PO4 F . -34.61 8.47 -12.21
O2 PO4 F . -33.03 7.63 -10.51
O3 PO4 F . -32.49 9.69 -11.90
O4 PO4 F . -34.18 9.77 -10.17
P PO4 G . 29.62 0.78 0.21
O1 PO4 G . 30.60 -0.36 0.08
O2 PO4 G . 28.23 0.14 0.39
O3 PO4 G . 29.98 1.67 1.38
O4 PO4 G . 29.67 1.68 -1.00
C1 EDO H . 6.30 25.09 2.98
O1 EDO H . 5.35 25.28 4.04
C2 EDO H . 7.53 24.44 3.59
O2 EDO H . 8.72 24.66 2.84
C1 EDO I . -8.60 14.64 15.74
O1 EDO I . -8.76 16.03 16.04
C2 EDO I . -7.63 13.72 16.51
O2 EDO I . -7.59 13.78 17.95
C1 EDO J . -8.93 4.66 -17.94
O1 EDO J . -9.65 5.75 -17.33
C2 EDO J . -8.77 5.08 -19.41
O2 EDO J . -7.82 6.11 -19.45
C1 EDO K . 19.09 11.59 18.75
O1 EDO K . 18.94 12.14 17.44
C2 EDO K . 20.36 10.74 18.93
O2 EDO K . 20.41 9.55 18.09
C1 EDO L . -3.70 -3.78 -17.40
O1 EDO L . -4.44 -4.06 -16.23
C2 EDO L . -2.23 -4.14 -17.35
O2 EDO L . -1.54 -3.46 -18.44
C1 EDO M . -13.94 6.76 9.79
O1 EDO M . -14.93 7.47 9.03
C2 EDO M . -13.86 5.33 9.27
O2 EDO M . -15.14 4.68 9.13
C1 EDO N . -4.38 -0.67 21.01
O1 EDO N . -3.46 -0.42 19.93
C2 EDO N . -4.77 -2.14 21.13
O2 EDO N . -3.62 -2.96 21.28
C1 EDO O . -14.23 -2.80 18.99
O1 EDO O . -14.72 -2.91 17.67
C2 EDO O . -13.05 -3.75 19.15
O2 EDO O . -13.39 -5.16 19.21
C1 EDO P . -0.59 -3.04 3.05
O1 EDO P . 0.30 -4.14 2.80
C2 EDO P . -0.52 -2.65 4.48
O2 EDO P . -0.57 -3.92 5.15
C1 EDO Q . -21.66 1.69 2.92
O1 EDO Q . -21.33 2.92 3.57
C2 EDO Q . -20.72 1.58 1.74
O2 EDO Q . -20.57 0.28 1.19
#